data_5B1Q
#
_entry.id   5B1Q
#
_cell.length_a   99.330
_cell.length_b   211.530
_cell.length_c   51.780
_cell.angle_alpha   90.00
_cell.angle_beta   90.00
_cell.angle_gamma   90.00
#
_symmetry.space_group_name_H-M   'P 21 21 2'
#
loop_
_entity.id
_entity.type
_entity.pdbx_description
1 polymer 'U14 protein'
2 non-polymer GLYCEROL
3 water water
#
_entity_poly.entity_id   1
_entity_poly.type   'polypeptide(L)'
_entity_poly.pdbx_seq_one_letter_code
;GPEGSKTFNIPTFVLDENCNFIPDVLSRANAKFIKEVLIRDSYNAVCLANSFIPMATQTVEQILIIITKFKFSRSRDLLM
SVFRLGVHINRFYAGKNQVKHMITMMKSLFDTEEAMRQLDRALMGLFVDARDNSYMPLIALSLHENGLPDSKFIKAVRLI
QTTVNSFHNRPDADIEQYAEKLRAYNYLYKIPKYTLKEAVDIYSDNLKDLTIGVNKKPTLLFTSSDDAYLSHIYNDLLFL
TSTWNMIYNCKKEIRRLNTWIKYEINSIMETAVLVGFQLPDLKETILDLAALISNMNLVSPDKELFPHYKLILAKLFEIC
IFATKANICILPSFIKGHLIEFEDVLKRSNDDEDLNYLLLKSRDSDDEYDEDKPPIQVDPGRVDNVLTDSDFFNVTPENA
FSSIAIMPISYDKTIDVEDNEIQVLEVEMQSLSAVVYGAVASKYGLSLEQVIRKLNQNE
;
_entity_poly.pdbx_strand_id   A,B
#
loop_
_chem_comp.id
_chem_comp.type
_chem_comp.name
_chem_comp.formula
GOL non-polymer GLYCEROL 'C3 H8 O3'
#
# COMPACT_ATOMS: atom_id res chain seq x y z
N ASN A 9 15.16 -5.72 -14.79
CA ASN A 9 16.22 -5.45 -15.74
C ASN A 9 15.75 -4.50 -16.84
N ILE A 10 16.42 -3.36 -16.94
CA ILE A 10 15.87 -2.20 -17.65
C ILE A 10 16.56 -1.88 -18.99
N PRO A 11 15.79 -1.90 -20.07
CA PRO A 11 16.22 -1.53 -21.42
C PRO A 11 16.80 -0.12 -21.47
N THR A 12 17.88 0.07 -22.22
CA THR A 12 18.56 1.36 -22.22
C THR A 12 17.67 2.46 -22.78
N PHE A 13 16.86 2.11 -23.77
CA PHE A 13 16.06 3.11 -24.45
C PHE A 13 14.90 3.63 -23.61
N VAL A 14 14.66 3.04 -22.44
CA VAL A 14 13.58 3.57 -21.59
C VAL A 14 14.10 4.48 -20.48
N LEU A 15 15.42 4.59 -20.32
CA LEU A 15 15.94 5.51 -19.30
C LEU A 15 15.65 6.94 -19.72
N ASP A 16 15.30 7.77 -18.75
CA ASP A 16 14.75 9.07 -19.07
C ASP A 16 14.87 9.99 -17.87
N GLU A 17 15.03 11.29 -18.11
CA GLU A 17 15.26 12.24 -17.03
C GLU A 17 13.96 12.75 -16.41
N ASN A 18 12.82 12.42 -17.02
CA ASN A 18 11.54 12.82 -16.45
C ASN A 18 10.66 11.61 -16.21
N CYS A 19 11.31 10.47 -16.07
CA CYS A 19 10.65 9.25 -15.66
C CYS A 19 9.61 8.81 -16.70
N ASN A 20 9.81 9.29 -17.93
CA ASN A 20 8.97 9.01 -19.09
C ASN A 20 7.57 9.59 -18.97
N PHE A 21 7.38 10.54 -18.06
CA PHE A 21 6.13 11.27 -18.04
C PHE A 21 6.04 12.22 -19.22
N ILE A 22 4.93 12.12 -19.93
CA ILE A 22 4.59 13.06 -20.99
C ILE A 22 4.45 14.44 -20.35
N PRO A 23 5.02 15.48 -20.98
CA PRO A 23 4.93 16.82 -20.38
C PRO A 23 3.49 17.26 -20.14
N ASP A 24 2.58 16.88 -21.03
CA ASP A 24 1.18 17.29 -20.90
C ASP A 24 0.48 16.57 -19.73
N VAL A 25 1.11 15.52 -19.22
CA VAL A 25 0.54 14.75 -18.11
C VAL A 25 1.05 15.25 -16.75
N LEU A 26 2.36 15.49 -16.66
CA LEU A 26 2.99 15.82 -15.38
C LEU A 26 4.11 16.84 -15.60
N SER A 27 4.14 17.87 -14.76
CA SER A 27 5.10 18.95 -14.91
C SER A 27 6.53 18.44 -14.74
N ARG A 28 7.49 19.20 -15.28
CA ARG A 28 8.87 18.76 -15.17
C ARG A 28 9.34 18.86 -13.72
N ALA A 29 8.81 19.83 -13.00
CA ALA A 29 9.13 19.98 -11.58
C ALA A 29 8.65 18.76 -10.78
N ASN A 30 7.47 18.25 -11.11
CA ASN A 30 6.95 17.07 -10.43
C ASN A 30 7.71 15.80 -10.80
N ALA A 31 8.11 15.64 -12.06
CA ALA A 31 8.96 14.51 -12.45
C ALA A 31 10.29 14.55 -11.70
N LYS A 32 10.83 15.75 -11.50
CA LYS A 32 12.09 15.92 -10.75
C LYS A 32 11.94 15.48 -9.31
N PHE A 33 10.77 15.75 -8.74
CA PHE A 33 10.45 15.36 -7.37
C PHE A 33 10.50 13.85 -7.25
N ILE A 34 9.96 13.16 -8.25
CA ILE A 34 9.98 11.71 -8.26
C ILE A 34 11.43 11.22 -8.23
N LYS A 35 12.26 11.85 -9.04
CA LYS A 35 13.66 11.43 -9.08
C LYS A 35 14.38 11.72 -7.77
N GLU A 36 13.93 12.76 -7.08
CA GLU A 36 14.58 13.18 -5.85
C GLU A 36 14.31 12.22 -4.70
N VAL A 37 13.10 11.70 -4.63
CA VAL A 37 12.72 10.92 -3.45
C VAL A 37 12.91 9.39 -3.58
N LEU A 38 13.04 8.86 -4.79
CA LEU A 38 13.20 7.43 -5.01
C LEU A 38 14.66 7.00 -5.09
N ILE A 39 14.95 5.79 -4.61
CA ILE A 39 16.26 5.21 -4.85
C ILE A 39 16.38 4.86 -6.33
N ARG A 40 17.61 4.72 -6.80
CA ARG A 40 17.88 4.53 -8.23
C ARG A 40 17.15 3.32 -8.82
N ASP A 41 17.22 2.17 -8.15
CA ASP A 41 16.59 0.95 -8.66
C ASP A 41 15.07 1.13 -8.81
N SER A 42 14.51 1.94 -7.92
CA SER A 42 13.07 2.23 -7.96
C SER A 42 12.76 3.22 -9.08
N TYR A 43 13.59 4.25 -9.23
CA TYR A 43 13.41 5.23 -10.30
C TYR A 43 13.48 4.57 -11.66
N ASN A 44 14.45 3.68 -11.84
CA ASN A 44 14.59 2.95 -13.10
C ASN A 44 13.41 2.02 -13.38
N ALA A 45 12.90 1.35 -12.35
CA ALA A 45 11.71 0.52 -12.50
C ALA A 45 10.50 1.34 -12.90
N VAL A 46 10.39 2.55 -12.35
CA VAL A 46 9.28 3.43 -12.69
C VAL A 46 9.44 3.86 -14.14
N CYS A 47 10.68 4.18 -14.55
CA CYS A 47 10.96 4.52 -15.94
C CYS A 47 10.43 3.47 -16.92
N LEU A 48 10.67 2.21 -16.62
CA LEU A 48 10.22 1.11 -17.48
C LEU A 48 8.72 0.95 -17.44
N ALA A 49 8.16 0.87 -16.23
CA ALA A 49 6.71 0.76 -16.04
C ALA A 49 5.94 1.91 -16.69
N ASN A 50 6.58 3.06 -16.83
CA ASN A 50 5.94 4.26 -17.37
C ASN A 50 6.30 4.53 -18.84
N SER A 51 7.03 3.58 -19.45
CA SER A 51 7.58 3.74 -20.79
C SER A 51 6.58 3.52 -21.92
N PHE A 52 6.99 3.84 -23.14
CA PHE A 52 6.15 3.66 -24.32
C PHE A 52 5.89 2.21 -24.69
N ILE A 53 6.57 1.27 -24.03
CA ILE A 53 6.40 -0.15 -24.32
C ILE A 53 5.00 -0.62 -23.94
N PRO A 54 4.21 -1.09 -24.94
CA PRO A 54 2.87 -1.59 -24.59
C PRO A 54 2.94 -2.74 -23.59
N MET A 55 2.14 -2.67 -22.52
CA MET A 55 2.05 -3.74 -21.54
C MET A 55 0.67 -3.86 -20.96
N ALA A 56 0.35 -5.07 -20.53
CA ALA A 56 -0.85 -5.34 -19.76
C ALA A 56 -0.73 -4.66 -18.42
N THR A 57 -1.87 -4.27 -17.86
CA THR A 57 -1.90 -3.55 -16.60
C THR A 57 -1.16 -4.31 -15.50
N GLN A 58 -1.31 -5.64 -15.48
CA GLN A 58 -0.66 -6.48 -14.46
C GLN A 58 0.86 -6.50 -14.63
N THR A 59 1.32 -6.40 -15.87
CA THR A 59 2.75 -6.32 -16.17
C THR A 59 3.34 -5.00 -15.66
N VAL A 60 2.62 -3.91 -15.91
CA VAL A 60 2.99 -2.61 -15.35
C VAL A 60 3.18 -2.72 -13.83
N GLU A 61 2.18 -3.28 -13.15
CA GLU A 61 2.25 -3.41 -11.70
C GLU A 61 3.40 -4.28 -11.21
N GLN A 62 3.68 -5.36 -11.91
CA GLN A 62 4.79 -6.23 -11.51
C GLN A 62 6.13 -5.50 -11.55
N ILE A 63 6.27 -4.61 -12.53
CA ILE A 63 7.51 -3.86 -12.73
C ILE A 63 7.58 -2.68 -11.77
N LEU A 64 6.44 -2.05 -11.51
CA LEU A 64 6.37 -0.80 -10.75
C LEU A 64 6.62 -1.01 -9.26
N ILE A 65 7.86 -0.78 -8.84
CA ILE A 65 8.14 -0.81 -7.42
C ILE A 65 8.57 0.60 -7.01
N ILE A 66 7.91 1.11 -5.98
CA ILE A 66 8.15 2.46 -5.52
C ILE A 66 8.87 2.40 -4.18
N ILE A 67 10.16 2.73 -4.18
CA ILE A 67 11.00 2.67 -3.00
C ILE A 67 11.68 4.00 -2.74
N THR A 68 11.35 4.62 -1.62
CA THR A 68 11.92 5.91 -1.27
C THR A 68 13.31 5.77 -0.69
N LYS A 69 14.15 6.76 -0.97
CA LYS A 69 15.35 6.98 -0.17
C LYS A 69 14.96 7.13 1.29
N PHE A 70 15.79 6.61 2.18
CA PHE A 70 15.51 6.60 3.60
C PHE A 70 15.08 7.97 4.13
N LYS A 71 15.67 9.04 3.60
CA LYS A 71 15.34 10.41 4.01
C LYS A 71 13.84 10.72 3.82
N PHE A 72 13.22 10.09 2.83
CA PHE A 72 11.82 10.33 2.51
C PHE A 72 10.90 9.19 2.90
N SER A 73 11.41 8.19 3.62
CA SER A 73 10.58 7.05 3.95
C SER A 73 9.43 7.41 4.89
N ARG A 74 9.57 8.54 5.60
CA ARG A 74 8.52 9.08 6.47
C ARG A 74 7.18 9.33 5.81
N SER A 75 7.18 9.52 4.49
CA SER A 75 5.94 9.79 3.77
C SER A 75 5.70 8.79 2.66
N ARG A 76 6.39 7.66 2.71
CA ARG A 76 6.29 6.62 1.69
C ARG A 76 4.84 6.23 1.40
N ASP A 77 4.03 6.09 2.46
CA ASP A 77 2.65 5.67 2.28
C ASP A 77 1.87 6.58 1.33
N LEU A 78 2.06 7.90 1.47
CA LEU A 78 1.41 8.84 0.56
C LEU A 78 2.04 8.80 -0.82
N LEU A 79 3.37 8.89 -0.88
CA LEU A 79 4.07 8.92 -2.16
C LEU A 79 3.73 7.70 -3.03
N MET A 80 3.67 6.52 -2.41
CA MET A 80 3.38 5.29 -3.15
C MET A 80 2.05 5.41 -3.89
N SER A 81 1.01 5.85 -3.20
CA SER A 81 -0.32 5.93 -3.82
C SER A 81 -0.41 6.94 -4.95
N VAL A 82 0.19 8.11 -4.73
CA VAL A 82 0.13 9.16 -5.73
C VAL A 82 0.98 8.81 -6.96
N PHE A 83 2.18 8.29 -6.74
CA PHE A 83 3.06 7.96 -7.86
C PHE A 83 2.46 6.84 -8.70
N ARG A 84 1.90 5.83 -8.04
CA ARG A 84 1.22 4.74 -8.74
C ARG A 84 0.11 5.28 -9.64
N LEU A 85 -0.76 6.09 -9.05
CA LEU A 85 -1.79 6.78 -9.81
C LEU A 85 -1.20 7.56 -10.99
N GLY A 86 -0.13 8.32 -10.76
CA GLY A 86 0.50 9.09 -11.81
C GLY A 86 0.89 8.23 -13.00
N VAL A 87 1.57 7.11 -12.74
CA VAL A 87 1.96 6.18 -13.78
C VAL A 87 0.73 5.68 -14.57
N HIS A 88 -0.33 5.34 -13.85
CA HIS A 88 -1.54 4.85 -14.50
C HIS A 88 -2.10 5.89 -15.47
N ILE A 89 -2.23 7.13 -14.98
CA ILE A 89 -2.71 8.26 -15.78
C ILE A 89 -1.82 8.49 -17.00
N ASN A 90 -0.51 8.45 -16.80
CA ASN A 90 0.43 8.65 -17.88
C ASN A 90 0.28 7.60 -18.98
N ARG A 91 0.16 6.35 -18.58
CA ARG A 91 0.07 5.22 -19.50
C ARG A 91 -1.24 5.27 -20.28
N PHE A 92 -2.29 5.73 -19.61
CA PHE A 92 -3.60 5.93 -20.22
C PHE A 92 -3.49 6.96 -21.33
N TYR A 93 -2.97 8.14 -21.00
CA TYR A 93 -2.82 9.21 -21.96
C TYR A 93 -1.93 8.81 -23.12
N ALA A 94 -0.71 8.40 -22.78
CA ALA A 94 0.28 8.00 -23.79
C ALA A 94 -0.27 6.88 -24.64
N GLY A 95 -0.95 5.93 -23.99
CA GLY A 95 -1.47 4.75 -24.66
C GLY A 95 -2.51 5.09 -25.71
N LYS A 96 -3.43 6.01 -25.39
CA LYS A 96 -4.47 6.41 -26.34
C LYS A 96 -3.89 7.07 -27.57
N ASN A 97 -2.92 7.96 -27.36
CA ASN A 97 -2.25 8.62 -28.47
C ASN A 97 -1.47 7.64 -29.34
N GLN A 98 -0.82 6.70 -28.68
CA GLN A 98 0.00 5.69 -29.35
C GLN A 98 -0.84 4.70 -30.15
N VAL A 99 -1.96 4.24 -29.60
CA VAL A 99 -2.71 3.21 -30.31
C VAL A 99 -3.41 3.84 -31.52
N LYS A 100 -3.81 5.11 -31.38
CA LYS A 100 -4.37 5.84 -32.51
C LYS A 100 -3.42 5.86 -33.70
N HIS A 101 -2.13 6.09 -33.43
CA HIS A 101 -1.13 6.12 -34.48
C HIS A 101 -0.89 4.74 -35.08
N MET A 102 -0.79 3.73 -34.21
CA MET A 102 -0.65 2.35 -34.64
C MET A 102 -1.76 1.98 -35.62
N ILE A 103 -2.99 2.37 -35.29
CA ILE A 103 -4.14 2.07 -36.15
C ILE A 103 -4.00 2.75 -37.52
N THR A 104 -3.58 4.01 -37.52
CA THR A 104 -3.38 4.75 -38.76
C THR A 104 -2.31 4.09 -39.64
N MET A 105 -1.20 3.70 -39.02
CA MET A 105 -0.12 3.00 -39.74
C MET A 105 -0.53 1.65 -40.33
N MET A 106 -1.15 0.81 -39.51
CA MET A 106 -1.50 -0.52 -39.98
C MET A 106 -2.63 -0.46 -40.99
N LYS A 107 -3.53 0.50 -40.82
CA LYS A 107 -4.67 0.66 -41.74
C LYS A 107 -4.17 1.07 -43.12
N SER A 108 -3.06 1.79 -43.16
CA SER A 108 -2.56 2.33 -44.41
C SER A 108 -1.98 1.26 -45.34
N LEU A 109 -1.76 0.05 -44.82
CA LEU A 109 -1.22 -1.03 -45.65
C LEU A 109 -2.18 -1.43 -46.77
N PHE A 110 -3.49 -1.37 -46.53
CA PHE A 110 -4.45 -1.81 -47.54
C PHE A 110 -5.58 -0.81 -47.77
N ASP A 111 -5.26 0.48 -47.78
CA ASP A 111 -6.30 1.51 -47.86
C ASP A 111 -6.56 1.99 -49.30
N THR A 112 -5.92 1.35 -50.27
CA THR A 112 -6.22 1.62 -51.68
C THR A 112 -6.75 0.35 -52.33
N GLU A 113 -7.42 0.49 -53.49
CA GLU A 113 -8.01 -0.68 -54.12
C GLU A 113 -6.93 -1.60 -54.67
N GLU A 114 -5.84 -1.02 -55.17
CA GLU A 114 -4.75 -1.83 -55.71
C GLU A 114 -4.07 -2.66 -54.62
N ALA A 115 -3.88 -2.06 -53.45
CA ALA A 115 -3.28 -2.77 -52.32
C ALA A 115 -4.17 -3.92 -51.84
N MET A 116 -5.47 -3.69 -51.89
CA MET A 116 -6.45 -4.70 -51.48
C MET A 116 -6.49 -5.90 -52.41
N ARG A 117 -6.40 -5.63 -53.71
CA ARG A 117 -6.44 -6.68 -54.71
C ARG A 117 -5.19 -7.53 -54.59
N GLN A 118 -4.07 -6.88 -54.28
CA GLN A 118 -2.83 -7.59 -54.07
C GLN A 118 -2.95 -8.57 -52.89
N LEU A 119 -3.60 -8.13 -51.81
CA LEU A 119 -3.79 -8.99 -50.64
C LEU A 119 -4.73 -10.15 -50.93
N ASP A 120 -5.84 -9.87 -51.61
CA ASP A 120 -6.80 -10.90 -52.00
C ASP A 120 -6.11 -11.99 -52.84
N ARG A 121 -5.25 -11.55 -53.75
CA ARG A 121 -4.45 -12.43 -54.58
C ARG A 121 -3.50 -13.28 -53.72
N ALA A 122 -2.84 -12.63 -52.77
CA ALA A 122 -1.96 -13.31 -51.82
C ALA A 122 -2.71 -14.36 -51.02
N LEU A 123 -3.90 -13.98 -50.55
CA LEU A 123 -4.74 -14.84 -49.74
C LEU A 123 -5.20 -16.09 -50.48
N MET A 124 -5.66 -15.91 -51.71
CA MET A 124 -6.11 -17.03 -52.51
C MET A 124 -4.96 -17.99 -52.80
N GLY A 125 -3.78 -17.43 -53.00
CA GLY A 125 -2.60 -18.21 -53.25
C GLY A 125 -2.28 -19.10 -52.07
N LEU A 126 -2.16 -18.48 -50.89
CA LEU A 126 -1.81 -19.25 -49.70
C LEU A 126 -2.92 -20.22 -49.30
N PHE A 127 -4.19 -19.82 -49.47
CA PHE A 127 -5.30 -20.68 -49.06
C PHE A 127 -5.90 -21.45 -50.24
N VAL A 128 -5.07 -21.70 -51.24
CA VAL A 128 -5.46 -22.48 -52.42
C VAL A 128 -6.12 -23.82 -52.07
N ASP A 129 -5.67 -24.45 -50.98
CA ASP A 129 -6.15 -25.78 -50.61
C ASP A 129 -7.10 -25.75 -49.43
N ALA A 130 -7.61 -24.57 -49.10
CA ALA A 130 -8.47 -24.44 -47.93
C ALA A 130 -9.76 -25.21 -48.11
N ARG A 131 -10.28 -25.73 -47.01
CA ARG A 131 -11.47 -26.58 -47.06
C ARG A 131 -12.77 -25.79 -46.87
N ASP A 132 -12.64 -24.50 -46.56
CA ASP A 132 -13.78 -23.58 -46.62
C ASP A 132 -13.25 -22.17 -46.82
N ASN A 133 -14.14 -21.19 -46.69
CA ASN A 133 -13.77 -19.78 -46.89
C ASN A 133 -13.63 -19.02 -45.58
N SER A 134 -13.31 -19.73 -44.50
CA SER A 134 -13.28 -19.09 -43.19
C SER A 134 -12.14 -18.09 -43.10
N TYR A 135 -11.19 -18.15 -44.04
CA TYR A 135 -10.12 -17.16 -44.03
C TYR A 135 -10.65 -15.76 -44.30
N MET A 136 -11.85 -15.65 -44.87
CA MET A 136 -12.44 -14.33 -45.11
C MET A 136 -12.93 -13.67 -43.80
N PRO A 137 -13.84 -14.30 -43.03
CA PRO A 137 -14.18 -13.61 -41.76
C PRO A 137 -13.03 -13.55 -40.72
N LEU A 138 -12.21 -14.59 -40.68
CA LEU A 138 -11.17 -14.68 -39.65
C LEU A 138 -9.99 -13.76 -39.90
N ILE A 139 -9.68 -13.51 -41.16
CA ILE A 139 -8.47 -12.78 -41.47
C ILE A 139 -8.71 -11.58 -42.39
N ALA A 140 -9.17 -11.84 -43.61
CA ALA A 140 -9.29 -10.79 -44.61
C ALA A 140 -10.15 -9.61 -44.13
N LEU A 141 -11.27 -9.93 -43.48
CA LEU A 141 -12.22 -8.91 -43.04
C LEU A 141 -11.97 -8.46 -41.60
N SER A 142 -10.91 -8.96 -40.98
CA SER A 142 -10.63 -8.60 -39.59
C SER A 142 -9.33 -7.85 -39.38
N LEU A 143 -8.82 -7.19 -40.42
CA LEU A 143 -7.58 -6.44 -40.29
C LEU A 143 -7.88 -4.98 -39.90
N HIS A 144 -8.50 -4.81 -38.73
CA HIS A 144 -8.84 -3.50 -38.21
C HIS A 144 -8.85 -3.56 -36.70
N GLU A 145 -9.09 -2.40 -36.09
CA GLU A 145 -8.88 -2.21 -34.66
C GLU A 145 -9.90 -2.97 -33.77
N ASN A 146 -10.99 -3.45 -34.35
CA ASN A 146 -11.91 -4.32 -33.62
C ASN A 146 -11.90 -5.77 -34.13
N GLY A 147 -10.94 -6.10 -34.99
CA GLY A 147 -11.01 -7.35 -35.72
C GLY A 147 -10.58 -8.59 -34.98
N LEU A 148 -9.57 -8.47 -34.12
CA LEU A 148 -8.94 -9.69 -33.62
C LEU A 148 -8.72 -9.74 -32.10
N PRO A 149 -9.81 -9.88 -31.33
CA PRO A 149 -9.68 -10.19 -29.90
C PRO A 149 -9.05 -11.57 -29.74
N ASP A 150 -8.58 -11.89 -28.53
CA ASP A 150 -7.79 -13.11 -28.29
C ASP A 150 -8.44 -14.39 -28.86
N SER A 151 -9.73 -14.58 -28.58
CA SER A 151 -10.44 -15.81 -29.01
C SER A 151 -10.43 -15.97 -30.53
N LYS A 152 -10.60 -14.87 -31.23
CA LYS A 152 -10.59 -14.88 -32.69
C LYS A 152 -9.17 -15.03 -33.24
N PHE A 153 -8.24 -14.36 -32.56
CA PHE A 153 -6.84 -14.40 -32.97
C PHE A 153 -6.31 -15.84 -32.93
N ILE A 154 -6.64 -16.57 -31.87
CA ILE A 154 -6.25 -17.98 -31.75
C ILE A 154 -6.73 -18.81 -32.95
N LYS A 155 -7.99 -18.63 -33.31
CA LYS A 155 -8.56 -19.32 -34.46
C LYS A 155 -7.89 -18.87 -35.77
N ALA A 156 -7.59 -17.58 -35.87
CA ALA A 156 -6.97 -17.06 -37.09
C ALA A 156 -5.58 -17.65 -37.31
N VAL A 157 -4.76 -17.68 -36.25
CA VAL A 157 -3.43 -18.25 -36.36
C VAL A 157 -3.48 -19.74 -36.66
N ARG A 158 -4.41 -20.46 -36.02
CA ARG A 158 -4.57 -21.89 -36.26
C ARG A 158 -4.87 -22.17 -37.74
N LEU A 159 -5.76 -21.36 -38.32
CA LEU A 159 -6.08 -21.48 -39.74
C LEU A 159 -4.87 -21.19 -40.62
N ILE A 160 -4.18 -20.09 -40.37
CA ILE A 160 -2.95 -19.81 -41.13
C ILE A 160 -2.00 -21.02 -41.05
N GLN A 161 -1.91 -21.64 -39.87
CA GLN A 161 -0.94 -22.72 -39.70
C GLN A 161 -1.25 -23.96 -40.55
N THR A 162 -2.51 -24.14 -40.95
CA THR A 162 -2.91 -25.29 -41.75
C THR A 162 -2.35 -25.28 -43.19
N THR A 163 -1.89 -24.11 -43.62
CA THR A 163 -1.52 -23.91 -45.02
C THR A 163 -0.12 -24.44 -45.34
N VAL A 164 0.59 -24.93 -44.33
CA VAL A 164 1.93 -25.47 -44.56
C VAL A 164 1.91 -26.74 -45.42
N ASN A 165 0.72 -27.28 -45.69
CA ASN A 165 0.63 -28.41 -46.60
C ASN A 165 0.46 -27.96 -48.04
N SER A 166 0.65 -26.66 -48.29
CA SER A 166 0.47 -26.12 -49.63
C SER A 166 1.74 -25.48 -50.14
N PHE A 167 2.80 -25.53 -49.34
CA PHE A 167 4.10 -25.04 -49.77
C PHE A 167 5.22 -25.73 -48.99
N HIS A 168 6.45 -25.53 -49.46
CA HIS A 168 7.61 -26.18 -48.89
C HIS A 168 8.00 -25.45 -47.60
N ASN A 169 7.49 -25.89 -46.45
CA ASN A 169 7.84 -25.18 -45.21
C ASN A 169 9.11 -25.73 -44.58
N ARG A 170 10.20 -25.00 -44.78
CA ARG A 170 11.48 -25.33 -44.16
C ARG A 170 11.96 -24.20 -43.25
N PRO A 171 11.46 -24.17 -42.00
CA PRO A 171 11.74 -23.10 -41.05
C PRO A 171 13.23 -22.85 -40.85
N ASP A 172 13.60 -21.58 -40.78
CA ASP A 172 14.99 -21.19 -40.62
C ASP A 172 15.62 -21.77 -39.37
N ALA A 173 16.94 -21.81 -39.36
CA ALA A 173 17.66 -22.24 -38.19
C ALA A 173 17.44 -21.24 -37.06
N ASP A 174 17.02 -21.79 -35.92
CA ASP A 174 17.02 -21.12 -34.62
C ASP A 174 16.04 -19.94 -34.55
N ILE A 175 14.91 -20.07 -35.24
CA ILE A 175 13.98 -18.98 -35.49
C ILE A 175 13.09 -18.61 -34.30
N GLU A 176 12.69 -19.60 -33.51
CA GLU A 176 11.72 -19.35 -32.44
C GLU A 176 12.37 -18.66 -31.26
N GLN A 177 13.68 -18.88 -31.09
CA GLN A 177 14.46 -18.11 -30.12
C GLN A 177 14.88 -16.79 -30.76
N TYR A 178 15.07 -16.80 -32.07
CA TYR A 178 15.43 -15.59 -32.81
C TYR A 178 14.29 -14.56 -32.80
N ALA A 179 13.06 -15.05 -32.83
CA ALA A 179 11.89 -14.18 -32.89
C ALA A 179 11.57 -13.55 -31.53
N GLU A 180 12.22 -14.07 -30.48
CA GLU A 180 12.02 -13.56 -29.12
C GLU A 180 12.25 -12.05 -29.02
N LYS A 181 13.06 -11.48 -29.91
CA LYS A 181 13.34 -10.05 -29.87
C LYS A 181 12.17 -9.17 -30.31
N LEU A 182 11.10 -9.79 -30.80
CA LEU A 182 9.94 -9.02 -31.22
C LEU A 182 9.17 -8.45 -30.03
N ARG A 183 9.56 -8.82 -28.82
CA ARG A 183 8.90 -8.24 -27.66
C ARG A 183 9.80 -7.23 -26.93
N ALA A 184 10.86 -6.78 -27.60
CA ALA A 184 11.76 -5.79 -27.02
C ALA A 184 11.07 -4.44 -26.80
N TYR A 185 10.22 -4.05 -27.74
CA TYR A 185 9.55 -2.75 -27.67
C TYR A 185 8.06 -2.91 -27.42
N ASN A 186 7.66 -4.14 -27.09
CA ASN A 186 6.23 -4.44 -26.93
C ASN A 186 6.00 -5.71 -26.10
N TYR A 187 5.54 -5.56 -24.85
CA TYR A 187 5.31 -6.72 -23.98
C TYR A 187 3.88 -7.22 -24.08
N LEU A 188 3.06 -6.56 -24.86
CA LEU A 188 1.68 -6.97 -24.99
C LEU A 188 1.53 -7.87 -26.21
N TYR A 189 2.52 -7.78 -27.10
CA TYR A 189 2.56 -8.51 -28.37
C TYR A 189 2.73 -10.02 -28.19
N LYS A 190 1.84 -10.81 -28.83
CA LYS A 190 1.98 -12.25 -28.78
C LYS A 190 2.77 -12.75 -29.97
N ILE A 191 3.92 -13.36 -29.73
CA ILE A 191 4.79 -13.78 -30.82
C ILE A 191 4.35 -15.11 -31.45
N PRO A 192 3.95 -15.06 -32.74
CA PRO A 192 3.52 -16.30 -33.38
C PRO A 192 4.71 -17.10 -33.91
N LYS A 193 4.42 -18.27 -34.47
CA LYS A 193 5.45 -19.19 -34.91
C LYS A 193 5.96 -18.88 -36.30
N TYR A 194 6.73 -17.81 -36.42
CA TYR A 194 7.38 -17.44 -37.68
C TYR A 194 8.33 -18.53 -38.18
N THR A 195 8.71 -18.46 -39.46
CA THR A 195 9.57 -19.48 -40.05
C THR A 195 10.83 -18.89 -40.67
N LEU A 196 10.78 -17.62 -41.03
CA LEU A 196 11.85 -16.97 -41.77
C LEU A 196 12.47 -15.81 -40.98
N LYS A 197 13.79 -15.82 -40.86
CA LYS A 197 14.49 -14.79 -40.11
C LYS A 197 14.50 -13.47 -40.90
N GLU A 198 14.38 -13.55 -42.23
CA GLU A 198 14.21 -12.36 -43.05
C GLU A 198 12.88 -11.67 -42.74
N ALA A 199 11.89 -12.48 -42.43
CA ALA A 199 10.57 -11.98 -42.06
C ALA A 199 10.63 -11.29 -40.71
N VAL A 200 11.18 -12.00 -39.72
CA VAL A 200 11.28 -11.51 -38.35
C VAL A 200 12.05 -10.18 -38.27
N ASP A 201 13.07 -10.01 -39.10
CA ASP A 201 13.83 -8.76 -39.11
C ASP A 201 12.97 -7.61 -39.57
N ILE A 202 12.13 -7.84 -40.58
CA ILE A 202 11.20 -6.84 -41.05
C ILE A 202 10.18 -6.48 -39.96
N TYR A 203 9.68 -7.49 -39.27
CA TYR A 203 8.63 -7.29 -38.28
C TYR A 203 9.21 -6.64 -37.02
N SER A 204 10.45 -6.97 -36.71
CA SER A 204 11.18 -6.32 -35.63
C SER A 204 11.19 -4.80 -35.83
N ASP A 205 11.61 -4.38 -37.02
CA ASP A 205 11.57 -2.99 -37.40
C ASP A 205 10.15 -2.39 -37.33
N ASN A 206 9.16 -3.14 -37.81
CA ASN A 206 7.79 -2.63 -37.83
C ASN A 206 7.29 -2.32 -36.42
N LEU A 207 7.49 -3.29 -35.54
CA LEU A 207 7.01 -3.20 -34.17
C LEU A 207 7.74 -2.12 -33.40
N LYS A 208 9.03 -1.97 -33.66
CA LYS A 208 9.80 -0.91 -33.03
C LYS A 208 9.27 0.46 -33.44
N ASP A 209 9.00 0.63 -34.73
CA ASP A 209 8.41 1.86 -35.25
C ASP A 209 7.03 2.13 -34.66
N LEU A 210 6.21 1.09 -34.54
CA LEU A 210 4.85 1.25 -34.02
C LEU A 210 4.86 1.79 -32.58
N THR A 211 5.77 1.27 -31.76
CA THR A 211 5.87 1.69 -30.38
C THR A 211 6.39 3.13 -30.28
N ILE A 212 7.40 3.46 -31.09
CA ILE A 212 7.99 4.80 -31.07
C ILE A 212 7.09 5.87 -31.67
N GLY A 213 6.32 5.49 -32.68
CA GLY A 213 5.44 6.41 -33.38
C GLY A 213 6.08 7.02 -34.63
N VAL A 214 6.95 6.26 -35.28
CA VAL A 214 7.60 6.68 -36.52
C VAL A 214 6.59 6.81 -37.66
N ASN A 215 6.53 7.98 -38.30
CA ASN A 215 5.65 8.15 -39.45
C ASN A 215 6.23 7.43 -40.66
N LYS A 216 6.08 6.11 -40.69
CA LYS A 216 6.62 5.27 -41.73
C LYS A 216 5.78 4.00 -41.84
N LYS A 217 5.12 3.84 -42.98
CA LYS A 217 4.27 2.68 -43.23
C LYS A 217 5.08 1.41 -42.99
N PRO A 218 4.46 0.42 -42.33
CA PRO A 218 5.11 -0.87 -42.07
C PRO A 218 5.48 -1.59 -43.37
N THR A 219 6.42 -2.52 -43.31
CA THR A 219 6.85 -3.30 -44.46
C THR A 219 6.32 -4.73 -44.37
N LEU A 220 5.89 -5.28 -45.51
CA LEU A 220 5.55 -6.69 -45.59
C LEU A 220 6.52 -7.39 -46.53
N LEU A 221 6.85 -8.64 -46.23
CA LEU A 221 7.81 -9.38 -47.03
C LEU A 221 7.26 -9.73 -48.42
N PHE A 222 5.94 -9.88 -48.54
CA PHE A 222 5.37 -10.34 -49.81
C PHE A 222 5.12 -9.19 -50.78
N THR A 223 5.20 -7.96 -50.30
CA THR A 223 5.08 -6.81 -51.17
C THR A 223 6.42 -6.09 -51.37
N SER A 224 7.50 -6.72 -50.92
CA SER A 224 8.81 -6.09 -51.02
C SER A 224 9.80 -6.98 -51.75
N SER A 225 9.38 -8.21 -52.04
CA SER A 225 10.25 -9.17 -52.70
C SER A 225 9.53 -9.90 -53.83
N ASP A 226 10.22 -10.91 -54.38
CA ASP A 226 9.67 -11.71 -55.45
C ASP A 226 9.84 -13.19 -55.11
N ASP A 227 11.01 -13.50 -54.56
CA ASP A 227 11.44 -14.85 -54.23
C ASP A 227 10.42 -15.65 -53.40
N ALA A 228 10.55 -16.98 -53.46
CA ALA A 228 9.77 -17.98 -52.69
C ALA A 228 8.47 -17.46 -52.07
N TYR A 229 7.50 -17.14 -52.92
CA TYR A 229 6.34 -16.33 -52.55
C TYR A 229 5.52 -16.81 -51.33
N LEU A 230 5.00 -18.04 -51.36
CA LEU A 230 3.98 -18.46 -50.40
C LEU A 230 4.43 -18.45 -48.94
N SER A 231 5.68 -18.77 -48.67
CA SER A 231 6.16 -18.72 -47.30
C SER A 231 6.25 -17.27 -46.83
N HIS A 232 6.37 -16.33 -47.78
CA HIS A 232 6.40 -14.91 -47.42
C HIS A 232 5.02 -14.47 -46.93
N ILE A 233 3.98 -14.82 -47.68
CA ILE A 233 2.62 -14.47 -47.29
C ILE A 233 2.29 -15.09 -45.94
N TYR A 234 2.74 -16.33 -45.75
CA TYR A 234 2.47 -17.09 -44.54
C TYR A 234 2.97 -16.34 -43.31
N ASN A 235 4.24 -15.93 -43.35
CA ASN A 235 4.79 -15.12 -42.27
C ASN A 235 4.10 -13.76 -42.13
N ASP A 236 3.76 -13.14 -43.27
CA ASP A 236 3.12 -11.82 -43.24
C ASP A 236 1.73 -11.86 -42.60
N LEU A 237 0.97 -12.93 -42.85
CA LEU A 237 -0.35 -13.06 -42.24
C LEU A 237 -0.23 -13.25 -40.73
N LEU A 238 0.77 -14.02 -40.31
CA LEU A 238 1.07 -14.14 -38.88
C LEU A 238 1.43 -12.78 -38.29
N PHE A 239 2.18 -11.96 -39.02
CA PHE A 239 2.49 -10.61 -38.54
C PHE A 239 1.24 -9.73 -38.46
N LEU A 240 0.47 -9.71 -39.54
CA LEU A 240 -0.73 -8.86 -39.57
C LEU A 240 -1.71 -9.22 -38.47
N THR A 241 -1.96 -10.51 -38.28
CA THR A 241 -2.97 -10.92 -37.32
C THR A 241 -2.48 -10.64 -35.90
N SER A 242 -1.21 -10.94 -35.62
CA SER A 242 -0.67 -10.74 -34.26
C SER A 242 -0.58 -9.27 -33.88
N THR A 243 -0.22 -8.43 -34.86
CA THR A 243 -0.12 -7.01 -34.63
C THR A 243 -1.51 -6.41 -34.41
N TRP A 244 -2.52 -6.86 -35.16
CA TRP A 244 -3.87 -6.33 -34.93
C TRP A 244 -4.45 -6.83 -33.61
N ASN A 245 -4.09 -8.05 -33.21
CA ASN A 245 -4.49 -8.55 -31.90
C ASN A 245 -3.88 -7.73 -30.78
N MET A 246 -2.64 -7.29 -30.99
CA MET A 246 -1.93 -6.42 -30.05
C MET A 246 -2.59 -5.04 -29.92
N ILE A 247 -3.02 -4.51 -31.06
CA ILE A 247 -3.69 -3.22 -31.08
C ILE A 247 -5.02 -3.29 -30.36
N TYR A 248 -5.77 -4.36 -30.60
CA TYR A 248 -7.02 -4.58 -29.88
C TYR A 248 -6.80 -4.59 -28.37
N ASN A 249 -5.80 -5.34 -27.92
CA ASN A 249 -5.52 -5.41 -26.50
C ASN A 249 -5.01 -4.10 -25.91
N CYS A 250 -4.31 -3.30 -26.70
CA CYS A 250 -3.97 -1.94 -26.30
C CYS A 250 -5.24 -1.19 -25.89
N LYS A 251 -6.25 -1.20 -26.76
CA LYS A 251 -7.52 -0.57 -26.44
C LYS A 251 -8.12 -1.14 -25.15
N LYS A 252 -8.15 -2.46 -25.04
CA LYS A 252 -8.65 -3.13 -23.84
C LYS A 252 -7.93 -2.67 -22.56
N GLU A 253 -6.61 -2.56 -22.62
CA GLU A 253 -5.83 -2.19 -21.42
C GLU A 253 -6.01 -0.74 -21.06
N ILE A 254 -6.15 0.11 -22.07
CA ILE A 254 -6.48 1.52 -21.86
C ILE A 254 -7.79 1.65 -21.07
N ARG A 255 -8.80 0.87 -21.48
CA ARG A 255 -10.08 0.87 -20.77
C ARG A 255 -9.90 0.39 -19.33
N ARG A 256 -9.05 -0.61 -19.15
CA ARG A 256 -8.79 -1.15 -17.81
C ARG A 256 -8.10 -0.12 -16.91
N LEU A 257 -7.15 0.61 -17.46
CA LEU A 257 -6.49 1.68 -16.71
C LEU A 257 -7.49 2.77 -16.33
N ASN A 258 -8.29 3.19 -17.30
CA ASN A 258 -9.29 4.24 -17.07
C ASN A 258 -10.24 3.86 -15.94
N THR A 259 -10.70 2.61 -15.96
CA THR A 259 -11.55 2.09 -14.90
C THR A 259 -10.85 2.14 -13.55
N TRP A 260 -9.57 1.78 -13.53
CA TRP A 260 -8.84 1.73 -12.27
C TRP A 260 -8.60 3.15 -11.75
N ILE A 261 -8.18 4.04 -12.63
CA ILE A 261 -7.92 5.45 -12.27
C ILE A 261 -9.10 6.15 -11.57
N LYS A 262 -10.31 5.93 -12.08
CA LYS A 262 -11.49 6.54 -11.49
C LYS A 262 -11.66 6.11 -10.03
N TYR A 263 -11.43 4.83 -9.75
CA TYR A 263 -11.55 4.36 -8.36
C TYR A 263 -10.38 4.84 -7.49
N GLU A 264 -9.15 4.78 -8.01
CA GLU A 264 -8.00 5.32 -7.26
C GLU A 264 -8.19 6.78 -6.86
N ILE A 265 -8.74 7.58 -7.77
CA ILE A 265 -8.96 8.99 -7.50
C ILE A 265 -10.05 9.21 -6.44
N ASN A 266 -11.15 8.49 -6.54
CA ASN A 266 -12.18 8.65 -5.50
C ASN A 266 -11.69 8.17 -4.15
N SER A 267 -10.90 7.11 -4.12
CA SER A 267 -10.50 6.54 -2.83
C SER A 267 -9.42 7.39 -2.18
N ILE A 268 -8.66 8.12 -2.98
CA ILE A 268 -7.53 8.85 -2.42
C ILE A 268 -8.01 10.15 -1.77
N MET A 269 -9.27 10.51 -2.00
CA MET A 269 -9.84 11.68 -1.33
C MET A 269 -9.75 11.49 0.19
N GLU A 270 -10.14 10.32 0.67
CA GLU A 270 -10.06 10.04 2.10
C GLU A 270 -8.61 10.04 2.58
N THR A 271 -7.70 9.60 1.73
CA THR A 271 -6.29 9.58 2.12
C THR A 271 -5.82 11.01 2.33
N ALA A 272 -6.22 11.89 1.42
CA ALA A 272 -5.85 13.31 1.48
C ALA A 272 -6.40 13.96 2.74
N VAL A 273 -7.66 13.68 3.06
CA VAL A 273 -8.29 14.20 4.28
C VAL A 273 -7.51 13.80 5.54
N LEU A 274 -7.09 12.53 5.57
CA LEU A 274 -6.32 12.00 6.71
C LEU A 274 -4.96 12.70 6.83
N VAL A 275 -4.31 12.94 5.70
CA VAL A 275 -3.08 13.72 5.69
C VAL A 275 -3.33 15.13 6.26
N GLY A 276 -4.48 15.71 5.94
CA GLY A 276 -4.86 17.01 6.47
C GLY A 276 -5.08 17.07 7.96
N PHE A 277 -5.42 15.94 8.57
CA PHE A 277 -5.45 15.83 10.04
C PHE A 277 -4.06 16.07 10.63
N GLN A 278 -3.05 15.50 9.97
CA GLN A 278 -1.67 15.62 10.41
C GLN A 278 -1.07 16.97 10.04
N LEU A 279 -1.55 17.56 8.95
CA LEU A 279 -1.02 18.80 8.41
C LEU A 279 -2.14 19.75 7.98
N PRO A 280 -2.79 20.41 8.95
CA PRO A 280 -3.99 21.18 8.61
C PRO A 280 -3.69 22.40 7.73
N ASP A 281 -2.43 22.80 7.56
CA ASP A 281 -2.13 23.87 6.59
C ASP A 281 -2.59 23.47 5.17
N LEU A 282 -2.79 22.17 4.95
CA LEU A 282 -3.24 21.64 3.65
C LEU A 282 -4.76 21.74 3.41
N LYS A 283 -5.49 22.28 4.37
CA LYS A 283 -6.96 22.36 4.28
C LYS A 283 -7.47 22.90 2.94
N GLU A 284 -7.01 24.07 2.52
CA GLU A 284 -7.51 24.65 1.27
C GLU A 284 -7.09 23.84 0.04
N THR A 285 -5.89 23.28 0.08
CA THR A 285 -5.43 22.38 -0.99
C THR A 285 -6.31 21.13 -1.04
N ILE A 286 -6.68 20.62 0.12
CA ILE A 286 -7.55 19.45 0.18
C ILE A 286 -8.98 19.75 -0.27
N LEU A 287 -9.47 20.94 0.06
CA LEU A 287 -10.82 21.33 -0.39
C LEU A 287 -10.84 21.60 -1.91
N ASP A 288 -9.72 22.07 -2.46
CA ASP A 288 -9.61 22.24 -3.92
C ASP A 288 -9.58 20.88 -4.63
N LEU A 289 -8.86 19.93 -4.03
CA LEU A 289 -8.84 18.57 -4.56
C LEU A 289 -10.25 17.98 -4.59
N ALA A 290 -11.02 18.18 -3.53
CA ALA A 290 -12.39 17.67 -3.50
C ALA A 290 -13.26 18.29 -4.60
N ALA A 291 -13.07 19.57 -4.87
CA ALA A 291 -13.81 20.23 -5.93
C ALA A 291 -13.44 19.68 -7.31
N LEU A 292 -12.16 19.37 -7.50
CA LEU A 292 -11.69 18.78 -8.77
C LEU A 292 -12.29 17.41 -8.98
N ILE A 293 -12.30 16.61 -7.93
CA ILE A 293 -12.81 15.26 -8.00
C ILE A 293 -14.34 15.30 -8.20
N SER A 294 -15.01 16.24 -7.53
CA SER A 294 -16.45 16.43 -7.72
C SER A 294 -16.75 16.73 -9.20
N ASN A 295 -15.97 17.63 -9.79
CA ASN A 295 -16.14 17.98 -11.20
C ASN A 295 -15.95 16.77 -12.11
N MET A 296 -14.93 15.97 -11.82
CA MET A 296 -14.69 14.75 -12.58
C MET A 296 -15.90 13.81 -12.50
N ASN A 297 -16.46 13.66 -11.30
CA ASN A 297 -17.58 12.75 -11.11
C ASN A 297 -18.86 13.23 -11.78
N LEU A 298 -18.95 14.54 -11.99
CA LEU A 298 -20.12 15.15 -12.60
C LEU A 298 -20.24 14.80 -14.08
N VAL A 299 -19.10 14.61 -14.74
CA VAL A 299 -19.04 14.36 -16.17
C VAL A 299 -19.90 13.16 -16.56
N SER A 300 -20.76 13.35 -17.55
CA SER A 300 -21.62 12.28 -18.02
C SER A 300 -20.79 11.18 -18.69
N PRO A 301 -21.29 9.94 -18.68
CA PRO A 301 -20.57 8.83 -19.31
C PRO A 301 -20.92 8.66 -20.77
N ASP A 302 -19.94 8.29 -21.59
CA ASP A 302 -18.55 8.20 -21.17
C ASP A 302 -17.76 9.23 -21.96
N LYS A 303 -17.40 10.33 -21.30
CA LYS A 303 -16.58 11.35 -21.92
C LYS A 303 -15.12 11.17 -21.51
N GLU A 304 -14.23 11.87 -22.20
CA GLU A 304 -12.81 11.85 -21.87
C GLU A 304 -12.55 12.58 -20.55
N LEU A 305 -11.98 11.87 -19.57
CA LEU A 305 -11.75 12.44 -18.26
C LEU A 305 -10.32 12.98 -18.07
N PHE A 306 -9.46 12.84 -19.06
CA PHE A 306 -8.05 13.20 -18.85
C PHE A 306 -7.84 14.63 -18.36
N PRO A 307 -8.57 15.63 -18.92
CA PRO A 307 -8.34 16.98 -18.38
C PRO A 307 -8.50 17.01 -16.86
N HIS A 308 -9.43 16.22 -16.32
CA HIS A 308 -9.62 16.13 -14.88
C HIS A 308 -8.46 15.36 -14.22
N TYR A 309 -8.10 14.22 -14.79
CA TYR A 309 -6.95 13.45 -14.30
C TYR A 309 -5.71 14.34 -14.18
N LYS A 310 -5.46 15.15 -15.20
CA LYS A 310 -4.29 16.02 -15.22
C LYS A 310 -4.28 16.97 -14.02
N LEU A 311 -5.40 17.67 -13.82
CA LEU A 311 -5.53 18.63 -12.71
C LEU A 311 -5.42 17.94 -11.35
N ILE A 312 -6.10 16.82 -11.21
CA ILE A 312 -6.10 16.09 -9.94
C ILE A 312 -4.71 15.57 -9.61
N LEU A 313 -3.98 15.09 -10.62
CA LEU A 313 -2.63 14.59 -10.39
C LEU A 313 -1.71 15.72 -9.90
N ALA A 314 -1.86 16.88 -10.51
CA ALA A 314 -1.05 18.05 -10.12
C ALA A 314 -1.39 18.51 -8.69
N LYS A 315 -2.67 18.43 -8.33
CA LYS A 315 -3.08 18.83 -6.98
C LYS A 315 -2.56 17.84 -5.93
N LEU A 316 -2.54 16.56 -6.28
CA LEU A 316 -2.00 15.53 -5.40
C LEU A 316 -0.50 15.70 -5.22
N PHE A 317 0.20 16.09 -6.27
CA PHE A 317 1.62 16.34 -6.11
C PHE A 317 1.92 17.55 -5.22
N GLU A 318 1.01 18.53 -5.19
CA GLU A 318 1.16 19.63 -4.22
C GLU A 318 1.13 19.11 -2.79
N ILE A 319 0.15 18.24 -2.50
CA ILE A 319 0.06 17.59 -1.20
C ILE A 319 1.31 16.77 -0.87
N CYS A 320 1.82 16.03 -1.85
CA CYS A 320 3.00 15.21 -1.63
C CYS A 320 4.22 16.04 -1.26
N ILE A 321 4.41 17.13 -1.99
CA ILE A 321 5.61 17.94 -1.86
C ILE A 321 5.58 18.69 -0.52
N PHE A 322 4.41 19.16 -0.14
CA PHE A 322 4.26 19.84 1.15
C PHE A 322 4.48 18.86 2.30
N ALA A 323 3.84 17.69 2.21
CA ALA A 323 3.95 16.68 3.28
C ALA A 323 5.38 16.23 3.44
N THR A 324 6.08 16.10 2.33
CA THR A 324 7.48 15.71 2.38
C THR A 324 8.35 16.81 2.98
N LYS A 325 8.09 18.06 2.60
CA LYS A 325 8.85 19.18 3.17
C LYS A 325 8.64 19.26 4.68
N ALA A 326 7.44 18.91 5.13
CA ALA A 326 7.05 18.97 6.54
C ALA A 326 7.88 18.04 7.39
N ASN A 327 8.40 16.99 6.75
CA ASN A 327 9.24 15.99 7.41
C ASN A 327 8.56 15.33 8.61
N ILE A 328 7.23 15.21 8.57
CA ILE A 328 6.56 14.40 9.58
C ILE A 328 6.17 13.04 9.01
N CYS A 329 5.75 12.17 9.91
CA CYS A 329 5.47 10.77 9.59
C CYS A 329 4.03 10.57 9.14
N ILE A 330 3.86 10.40 7.84
CA ILE A 330 2.55 10.39 7.22
C ILE A 330 2.06 8.96 7.11
N LEU A 331 1.13 8.59 7.97
CA LEU A 331 0.63 7.21 8.03
C LEU A 331 -0.89 7.25 8.13
N PRO A 332 -1.57 7.43 6.99
CA PRO A 332 -3.04 7.49 7.03
C PRO A 332 -3.69 6.30 7.74
N SER A 333 -3.18 5.08 7.56
CA SER A 333 -3.75 3.91 8.21
C SER A 333 -3.69 4.00 9.74
N PHE A 334 -2.54 4.45 10.22
CA PHE A 334 -2.26 4.63 11.64
C PHE A 334 -3.17 5.72 12.22
N ILE A 335 -3.30 6.80 11.48
CA ILE A 335 -4.13 7.93 11.91
C ILE A 335 -5.59 7.50 11.98
N LYS A 336 -6.08 6.83 10.92
CA LYS A 336 -7.45 6.36 10.92
C LYS A 336 -7.70 5.38 12.06
N GLY A 337 -6.72 4.52 12.35
CA GLY A 337 -6.85 3.59 13.46
C GLY A 337 -7.06 4.31 14.78
N HIS A 338 -6.36 5.43 14.94
CA HIS A 338 -6.47 6.20 16.16
C HIS A 338 -7.71 7.07 16.20
N LEU A 339 -8.24 7.46 15.03
CA LEU A 339 -9.52 8.11 15.02
C LEU A 339 -10.61 7.15 15.54
N ILE A 340 -10.48 5.87 15.18
CA ILE A 340 -11.45 4.87 15.63
C ILE A 340 -11.37 4.64 17.13
N GLU A 341 -10.16 4.60 17.66
CA GLU A 341 -9.99 4.42 19.10
C GLU A 341 -10.52 5.65 19.86
N PHE A 342 -10.27 6.86 19.35
CA PHE A 342 -10.81 8.08 19.95
C PHE A 342 -12.33 7.99 20.08
N GLU A 343 -12.98 7.57 19.00
CA GLU A 343 -14.44 7.40 18.98
C GLU A 343 -14.91 6.46 20.06
N ASP A 344 -14.22 5.34 20.20
CA ASP A 344 -14.60 4.33 21.20
C ASP A 344 -14.44 4.87 22.61
N VAL A 345 -13.32 5.53 22.89
CA VAL A 345 -13.11 6.12 24.21
C VAL A 345 -14.17 7.18 24.49
N LEU A 346 -14.45 8.00 23.48
CA LEU A 346 -15.48 9.03 23.61
C LEU A 346 -16.82 8.41 23.99
N LYS A 347 -17.17 7.30 23.33
CA LYS A 347 -18.43 6.61 23.60
C LYS A 347 -18.48 5.98 24.98
N ARG A 348 -17.35 5.45 25.43
CA ARG A 348 -17.28 4.79 26.72
C ARG A 348 -17.19 5.77 27.88
N SER A 349 -16.97 7.05 27.59
CA SER A 349 -16.77 8.04 28.64
C SER A 349 -18.10 8.41 29.29
N ASN A 350 -18.05 8.92 30.51
CA ASN A 350 -19.27 9.40 31.16
C ASN A 350 -19.38 10.93 31.07
N ASP A 351 -20.45 11.46 31.66
CA ASP A 351 -20.74 12.89 31.59
C ASP A 351 -19.79 13.74 32.43
N ASP A 352 -19.03 13.12 33.32
CA ASP A 352 -18.01 13.87 34.06
C ASP A 352 -16.74 14.03 33.22
N GLU A 353 -16.70 13.38 32.06
CA GLU A 353 -15.49 13.31 31.25
C GLU A 353 -15.66 14.01 29.90
N ASP A 354 -15.33 15.30 29.84
CA ASP A 354 -15.52 16.03 28.60
C ASP A 354 -14.30 15.86 27.69
N LEU A 355 -14.39 16.38 26.48
CA LEU A 355 -13.32 16.16 25.51
C LEU A 355 -12.00 16.70 26.04
N ASN A 356 -12.06 17.80 26.80
CA ASN A 356 -10.87 18.38 27.35
C ASN A 356 -10.16 17.38 28.27
N TYR A 357 -10.94 16.68 29.07
CA TYR A 357 -10.40 15.65 29.96
C TYR A 357 -9.82 14.44 29.20
N LEU A 358 -10.54 14.01 28.17
CA LEU A 358 -10.15 12.86 27.39
C LEU A 358 -8.90 13.10 26.54
N LEU A 359 -8.69 14.33 26.07
CA LEU A 359 -7.69 14.59 25.04
C LEU A 359 -6.39 15.23 25.54
N LEU A 360 -6.44 15.91 26.68
CA LEU A 360 -5.30 16.68 27.17
C LEU A 360 -4.92 16.36 28.61
N LYS A 361 -3.63 16.32 28.88
CA LYS A 361 -3.16 16.11 30.24
C LYS A 361 -3.70 17.22 31.12
N SER A 362 -3.91 16.92 32.39
CA SER A 362 -4.36 17.94 33.34
C SER A 362 -3.24 18.97 33.58
N ARG A 363 -3.63 20.17 34.00
CA ARG A 363 -2.67 21.26 34.25
C ARG A 363 -1.50 20.88 35.13
N ASP A 364 -1.80 20.18 36.22
CA ASP A 364 -0.78 19.88 37.20
C ASP A 364 -0.40 18.41 37.17
N SER A 365 -0.53 17.78 36.00
CA SER A 365 -0.25 16.36 35.88
C SER A 365 1.19 16.03 36.23
N ASP A 366 2.11 16.96 36.00
CA ASP A 366 3.51 16.65 36.26
C ASP A 366 3.84 16.76 37.77
N ASP A 367 2.85 17.13 38.59
CA ASP A 367 2.97 17.02 40.04
C ASP A 367 2.50 15.68 40.57
N GLU A 368 1.82 14.92 39.73
CA GLU A 368 1.28 13.64 40.14
C GLU A 368 2.35 12.57 39.97
N TYR A 369 2.47 11.68 40.95
CA TYR A 369 3.51 10.64 40.92
C TYR A 369 3.01 9.26 41.36
N ASP A 370 1.73 9.17 41.70
CA ASP A 370 1.14 7.91 42.15
C ASP A 370 1.14 6.87 41.02
N GLU A 371 1.74 5.72 41.27
CA GLU A 371 1.80 4.67 40.25
C GLU A 371 0.41 4.18 39.83
N ASP A 372 -0.52 4.18 40.75
CA ASP A 372 -1.86 3.68 40.47
C ASP A 372 -2.75 4.73 39.80
N LYS A 373 -2.17 5.85 39.39
CA LYS A 373 -2.89 6.82 38.57
C LYS A 373 -2.20 7.05 37.22
N PRO A 374 -2.48 6.17 36.24
CA PRO A 374 -1.79 6.23 34.95
C PRO A 374 -1.97 7.58 34.28
N PRO A 375 -0.85 8.22 33.86
CA PRO A 375 -0.87 9.44 33.06
C PRO A 375 -1.61 9.21 31.74
N ILE A 376 -1.95 10.29 31.06
CA ILE A 376 -2.96 10.22 30.02
C ILE A 376 -2.61 9.28 28.87
N GLN A 377 -1.36 9.27 28.43
CA GLN A 377 -1.02 8.48 27.24
C GLN A 377 -1.21 6.96 27.43
N VAL A 378 -1.10 6.45 28.66
CA VAL A 378 -1.31 5.02 28.88
C VAL A 378 -2.61 4.71 29.64
N ASP A 379 -3.42 5.75 29.88
CA ASP A 379 -4.71 5.59 30.57
C ASP A 379 -5.79 5.13 29.59
N PRO A 380 -6.30 3.89 29.74
CA PRO A 380 -7.30 3.38 28.79
C PRO A 380 -8.64 4.14 28.90
N GLY A 381 -8.83 4.90 29.97
CA GLY A 381 -10.01 5.73 30.14
C GLY A 381 -9.95 7.06 29.42
N ARG A 382 -8.77 7.40 28.89
CA ARG A 382 -8.57 8.64 28.16
C ARG A 382 -7.96 8.37 26.76
N VAL A 383 -7.74 9.42 25.99
CA VAL A 383 -7.22 9.25 24.63
C VAL A 383 -5.71 9.50 24.59
N ASP A 384 -4.96 8.58 23.99
CA ASP A 384 -3.56 8.87 23.62
C ASP A 384 -3.63 9.51 22.25
N ASN A 385 -3.68 10.84 22.21
CA ASN A 385 -3.84 11.51 20.94
C ASN A 385 -2.52 11.62 20.22
N VAL A 386 -2.31 10.81 19.19
CA VAL A 386 -1.00 10.76 18.55
C VAL A 386 -0.62 12.10 17.93
N LEU A 387 -1.61 12.92 17.65
CA LEU A 387 -1.37 14.23 17.04
C LEU A 387 -0.76 15.25 18.01
N THR A 388 -0.54 14.87 19.27
CA THR A 388 0.20 15.76 20.19
C THR A 388 1.71 15.50 20.07
N ASP A 389 2.05 14.48 19.30
CA ASP A 389 3.42 14.07 19.04
C ASP A 389 3.94 14.84 17.83
N SER A 390 5.07 15.54 17.98
CA SER A 390 5.62 16.34 16.89
C SER A 390 6.00 15.54 15.63
N ASP A 391 6.18 14.23 15.78
CA ASP A 391 6.46 13.41 14.60
C ASP A 391 5.21 13.18 13.73
N PHE A 392 4.02 13.47 14.26
CA PHE A 392 2.77 13.21 13.55
C PHE A 392 1.91 14.44 13.21
N PHE A 393 2.31 15.62 13.66
CA PHE A 393 1.45 16.79 13.51
C PHE A 393 2.24 18.08 13.45
N ASN A 394 1.79 19.01 12.61
CA ASN A 394 2.29 20.38 12.63
C ASN A 394 1.28 21.32 11.96
N VAL A 395 1.32 22.58 12.36
CA VAL A 395 0.42 23.57 11.77
C VAL A 395 1.07 24.91 12.04
N THR A 396 0.77 25.89 11.20
CA THR A 396 1.27 27.24 11.42
C THR A 396 0.26 28.01 12.27
N PRO A 397 0.73 29.01 13.05
CA PRO A 397 -0.21 29.77 13.88
C PRO A 397 -1.38 30.32 13.08
N GLU A 398 -1.15 30.69 11.83
CA GLU A 398 -2.18 31.32 10.99
C GLU A 398 -3.37 30.38 10.76
N ASN A 399 -3.10 29.07 10.80
CA ASN A 399 -4.15 28.09 10.52
C ASN A 399 -4.60 27.31 11.76
N ALA A 400 -4.08 27.66 12.93
CA ALA A 400 -4.36 26.88 14.15
C ALA A 400 -5.84 26.92 14.55
N PHE A 401 -6.55 27.97 14.15
CA PHE A 401 -7.97 28.09 14.52
C PHE A 401 -8.87 28.13 13.28
N SER A 402 -8.43 27.45 12.24
CA SER A 402 -9.28 27.15 11.11
C SER A 402 -9.85 25.74 11.32
N SER A 403 -11.07 25.46 10.88
CA SER A 403 -11.57 24.08 11.02
C SER A 403 -10.87 23.22 9.97
N ILE A 404 -10.83 21.91 10.15
CA ILE A 404 -10.17 21.07 9.15
C ILE A 404 -11.07 20.76 7.97
N ALA A 405 -10.47 20.42 6.85
CA ALA A 405 -11.20 19.76 5.77
C ALA A 405 -11.72 18.42 6.30
N ILE A 406 -13.00 18.15 6.11
CA ILE A 406 -13.55 16.92 6.64
C ILE A 406 -14.44 16.25 5.61
N MET A 407 -14.51 14.93 5.67
CA MET A 407 -15.45 14.16 4.87
C MET A 407 -15.94 13.05 5.78
N PRO A 408 -17.05 12.41 5.42
CA PRO A 408 -17.45 11.26 6.24
C PRO A 408 -16.39 10.14 6.22
N ILE A 409 -16.04 9.70 7.41
CA ILE A 409 -15.06 8.66 7.55
C ILE A 409 -15.67 7.53 8.35
N SER A 410 -15.68 6.35 7.75
CA SER A 410 -16.33 5.22 8.38
C SER A 410 -15.48 4.00 8.20
N TYR A 411 -15.81 2.96 8.96
CA TYR A 411 -15.22 1.68 8.69
C TYR A 411 -16.21 0.57 9.02
N ASP A 412 -16.10 -0.53 8.27
CA ASP A 412 -16.98 -1.68 8.49
C ASP A 412 -16.31 -2.61 9.51
N LYS A 413 -17.03 -2.95 10.57
CA LYS A 413 -16.52 -3.84 11.58
C LYS A 413 -17.20 -5.21 11.43
N THR A 414 -16.42 -6.27 11.18
CA THR A 414 -16.98 -7.60 10.91
C THR A 414 -17.46 -8.25 12.20
N ILE A 415 -18.74 -8.62 12.27
CA ILE A 415 -19.31 -9.05 13.54
C ILE A 415 -19.95 -10.44 13.52
N ASP A 416 -20.30 -10.95 12.34
CA ASP A 416 -20.87 -12.29 12.27
C ASP A 416 -20.75 -12.87 10.87
N VAL A 417 -20.93 -14.18 10.77
CA VAL A 417 -21.05 -14.88 9.48
C VAL A 417 -22.27 -15.79 9.50
N GLU A 418 -23.03 -15.81 8.41
CA GLU A 418 -24.06 -16.84 8.24
C GLU A 418 -24.02 -17.37 6.83
N ASP A 419 -23.72 -18.66 6.71
CA ASP A 419 -23.43 -19.28 5.42
C ASP A 419 -22.30 -18.52 4.72
N ASN A 420 -22.55 -18.04 3.50
CA ASN A 420 -21.52 -17.36 2.73
C ASN A 420 -21.48 -15.87 2.99
N GLU A 421 -22.42 -15.40 3.80
CA GLU A 421 -22.58 -13.95 4.02
C GLU A 421 -21.93 -13.45 5.30
N ILE A 422 -21.00 -12.52 5.15
CA ILE A 422 -20.33 -11.88 6.28
C ILE A 422 -21.09 -10.64 6.69
N GLN A 423 -21.44 -10.54 7.98
CA GLN A 423 -22.18 -9.39 8.47
C GLN A 423 -21.23 -8.36 9.11
N VAL A 424 -21.49 -7.10 8.84
CA VAL A 424 -20.67 -6.04 9.42
C VAL A 424 -21.52 -5.00 10.16
N LEU A 425 -20.85 -4.18 10.94
CA LEU A 425 -21.47 -3.05 11.59
C LEU A 425 -20.76 -1.81 11.07
N GLU A 426 -21.51 -0.94 10.41
CA GLU A 426 -20.95 0.33 9.94
C GLU A 426 -20.77 1.27 11.11
N VAL A 427 -19.55 1.78 11.24
CA VAL A 427 -19.21 2.73 12.29
C VAL A 427 -18.82 4.05 11.64
N GLU A 428 -19.76 5.00 11.65
CA GLU A 428 -19.51 6.33 11.15
C GLU A 428 -19.02 7.20 12.29
N MET A 429 -17.91 7.88 12.07
CA MET A 429 -17.31 8.62 13.16
C MET A 429 -17.62 10.11 13.13
N GLN A 430 -18.26 10.57 14.21
CA GLN A 430 -18.56 11.98 14.39
C GLN A 430 -17.51 12.57 15.31
N SER A 431 -17.45 13.89 15.42
CA SER A 431 -16.52 14.53 16.36
C SER A 431 -15.04 14.29 16.06
N LEU A 432 -14.71 13.77 14.88
CA LEU A 432 -13.30 13.53 14.53
C LEU A 432 -12.46 14.82 14.64
N SER A 433 -13.06 15.96 14.30
CA SER A 433 -12.36 17.24 14.34
C SER A 433 -11.69 17.51 15.69
N ALA A 434 -12.26 16.99 16.77
CA ALA A 434 -11.73 17.27 18.10
C ALA A 434 -10.28 16.82 18.29
N VAL A 435 -9.85 15.78 17.59
CA VAL A 435 -8.48 15.30 17.83
C VAL A 435 -7.50 16.33 17.29
N VAL A 436 -7.90 17.07 16.25
CA VAL A 436 -7.07 18.12 15.69
C VAL A 436 -7.05 19.33 16.61
N TYR A 437 -8.22 19.73 17.10
CA TYR A 437 -8.25 20.88 18.02
C TYR A 437 -7.50 20.53 19.29
N GLY A 438 -7.53 19.24 19.65
CA GLY A 438 -6.77 18.73 20.78
C GLY A 438 -5.28 18.82 20.52
N ALA A 439 -4.86 18.53 19.29
CA ALA A 439 -3.46 18.73 18.89
C ALA A 439 -3.06 20.21 18.95
N VAL A 440 -3.92 21.07 18.44
CA VAL A 440 -3.67 22.51 18.50
C VAL A 440 -3.54 22.97 19.95
N ALA A 441 -4.51 22.57 20.78
CA ALA A 441 -4.51 22.92 22.19
C ALA A 441 -3.21 22.51 22.88
N SER A 442 -2.76 21.28 22.64
CA SER A 442 -1.52 20.77 23.21
C SER A 442 -0.30 21.54 22.71
N LYS A 443 -0.27 21.79 21.41
CA LYS A 443 0.85 22.50 20.79
C LYS A 443 1.05 23.90 21.38
N TYR A 444 -0.07 24.58 21.68
CA TYR A 444 -0.01 25.98 22.06
C TYR A 444 -0.35 26.27 23.53
N GLY A 445 -0.38 25.21 24.33
CA GLY A 445 -0.55 25.35 25.77
C GLY A 445 -1.97 25.70 26.18
N LEU A 446 -2.92 25.50 25.27
CA LEU A 446 -4.30 25.87 25.50
C LEU A 446 -5.19 24.73 25.99
N SER A 447 -6.37 25.08 26.51
CA SER A 447 -7.40 24.10 26.80
C SER A 447 -8.17 23.86 25.53
N LEU A 448 -8.97 22.79 25.49
CA LEU A 448 -9.74 22.50 24.29
C LEU A 448 -10.78 23.60 24.07
N GLU A 449 -11.34 24.06 25.18
CA GLU A 449 -12.32 25.14 25.21
C GLU A 449 -11.78 26.41 24.55
N GLN A 450 -10.52 26.73 24.86
CA GLN A 450 -9.88 27.94 24.34
C GLN A 450 -9.67 27.87 22.83
N VAL A 451 -9.45 26.66 22.33
CA VAL A 451 -9.31 26.46 20.88
C VAL A 451 -10.64 26.58 20.16
N ILE A 452 -11.63 25.80 20.60
CA ILE A 452 -12.91 25.70 19.91
C ILE A 452 -13.65 27.04 19.86
N ARG A 453 -13.51 27.86 20.91
CA ARG A 453 -14.19 29.16 20.91
C ARG A 453 -13.66 30.10 19.82
N LYS A 454 -12.41 29.90 19.40
CA LYS A 454 -11.83 30.78 18.38
C LYS A 454 -12.15 30.35 16.96
N LEU A 455 -12.85 29.23 16.80
CA LEU A 455 -13.19 28.72 15.48
C LEU A 455 -14.42 29.41 14.90
N ASN A 456 -14.44 29.54 13.57
CA ASN A 456 -15.62 30.02 12.87
C ASN A 456 -16.74 28.99 12.90
N ASN B 9 23.03 -0.37 6.91
CA ASN B 9 22.65 0.24 8.17
C ASN B 9 22.26 -0.80 9.23
N ILE B 10 22.12 -2.05 8.81
CA ILE B 10 21.59 -3.11 9.67
C ILE B 10 22.68 -3.74 10.55
N PRO B 11 22.49 -3.69 11.88
CA PRO B 11 23.41 -4.32 12.83
C PRO B 11 23.35 -5.84 12.74
N THR B 12 24.50 -6.48 12.84
CA THR B 12 24.56 -7.92 12.63
C THR B 12 23.84 -8.70 13.72
N PHE B 13 23.71 -8.10 14.90
CA PHE B 13 23.10 -8.82 16.00
C PHE B 13 21.57 -8.92 15.92
N VAL B 14 20.95 -8.25 14.94
CA VAL B 14 19.51 -8.41 14.76
C VAL B 14 19.21 -9.43 13.67
N LEU B 15 20.25 -10.05 13.13
CA LEU B 15 20.02 -11.09 12.13
C LEU B 15 19.41 -12.33 12.77
N ASP B 16 18.48 -12.95 12.07
CA ASP B 16 17.74 -14.07 12.64
C ASP B 16 17.12 -14.94 11.57
N GLU B 17 17.13 -16.25 11.81
CA GLU B 17 16.64 -17.22 10.82
C GLU B 17 15.13 -17.19 10.65
N ASN B 18 14.43 -16.71 11.68
CA ASN B 18 12.98 -16.60 11.64
C ASN B 18 12.54 -15.14 11.47
N CYS B 19 13.42 -14.29 10.96
CA CYS B 19 13.13 -12.87 10.76
C CYS B 19 12.67 -12.20 12.05
N ASN B 20 13.14 -12.73 13.19
CA ASN B 20 12.81 -12.26 14.53
C ASN B 20 11.35 -12.41 14.93
N PHE B 21 10.59 -13.23 14.22
CA PHE B 21 9.25 -13.57 14.70
C PHE B 21 9.34 -14.54 15.86
N ILE B 22 8.63 -14.21 16.93
CA ILE B 22 8.51 -15.07 18.09
C ILE B 22 7.74 -16.31 17.68
N PRO B 23 8.24 -17.50 18.03
CA PRO B 23 7.55 -18.77 17.78
C PRO B 23 6.06 -18.73 18.12
N ASP B 24 5.72 -18.15 19.27
CA ASP B 24 4.32 -18.04 19.68
C ASP B 24 3.51 -17.13 18.75
N VAL B 25 4.19 -16.27 17.98
CA VAL B 25 3.48 -15.31 17.10
C VAL B 25 3.31 -15.83 15.67
N LEU B 26 4.35 -16.46 15.13
CA LEU B 26 4.31 -16.93 13.75
C LEU B 26 5.02 -18.27 13.61
N SER B 27 4.43 -19.20 12.86
CA SER B 27 5.03 -20.53 12.68
C SER B 27 6.36 -20.50 11.91
N ARG B 28 7.19 -21.50 12.14
CA ARG B 28 8.43 -21.66 11.36
C ARG B 28 8.13 -21.66 9.86
N ALA B 29 7.08 -22.37 9.45
CA ALA B 29 6.73 -22.49 8.03
C ALA B 29 6.43 -21.11 7.45
N ASN B 30 5.69 -20.32 8.21
CA ASN B 30 5.31 -18.98 7.75
C ASN B 30 6.49 -18.03 7.75
N ALA B 31 7.41 -18.24 8.69
CA ALA B 31 8.60 -17.41 8.75
C ALA B 31 9.50 -17.68 7.54
N LYS B 32 9.58 -18.95 7.15
CA LYS B 32 10.29 -19.38 5.95
C LYS B 32 9.67 -18.81 4.69
N PHE B 33 8.35 -18.71 4.68
CA PHE B 33 7.64 -18.15 3.53
C PHE B 33 8.08 -16.71 3.31
N ILE B 34 8.26 -15.97 4.41
CA ILE B 34 8.70 -14.60 4.29
C ILE B 34 10.09 -14.53 3.66
N LYS B 35 11.00 -15.39 4.09
CA LYS B 35 12.34 -15.37 3.49
C LYS B 35 12.30 -15.76 2.01
N GLU B 36 11.40 -16.69 1.67
CA GLU B 36 11.26 -17.14 0.28
C GLU B 36 10.88 -15.97 -0.63
N VAL B 37 9.96 -15.10 -0.17
CA VAL B 37 9.36 -14.14 -1.10
C VAL B 37 10.04 -12.77 -1.19
N LEU B 38 10.81 -12.38 -0.16
CA LEU B 38 11.44 -11.05 -0.15
C LEU B 38 12.85 -11.05 -0.73
N ILE B 39 13.27 -9.95 -1.34
CA ILE B 39 14.66 -9.81 -1.74
C ILE B 39 15.52 -9.62 -0.48
N ARG B 40 16.82 -9.88 -0.59
CA ARG B 40 17.70 -9.84 0.58
C ARG B 40 17.58 -8.55 1.41
N ASP B 41 17.69 -7.39 0.76
CA ASP B 41 17.68 -6.11 1.48
C ASP B 41 16.38 -5.89 2.25
N SER B 42 15.26 -6.32 1.67
CA SER B 42 13.96 -6.19 2.32
C SER B 42 13.86 -7.13 3.51
N TYR B 43 14.31 -8.37 3.33
CA TYR B 43 14.34 -9.33 4.43
C TYR B 43 15.15 -8.78 5.59
N ASN B 44 16.31 -8.20 5.28
CA ASN B 44 17.17 -7.67 6.36
C ASN B 44 16.50 -6.48 7.05
N ALA B 45 15.80 -5.66 6.28
CA ALA B 45 15.08 -4.52 6.85
C ALA B 45 13.96 -4.99 7.76
N VAL B 46 13.28 -6.07 7.36
CA VAL B 46 12.20 -6.60 8.17
C VAL B 46 12.79 -7.18 9.46
N CYS B 47 13.91 -7.88 9.35
CA CYS B 47 14.61 -8.38 10.54
C CYS B 47 14.84 -7.26 11.57
N LEU B 48 15.34 -6.13 11.11
CA LEU B 48 15.62 -5.00 12.00
C LEU B 48 14.31 -4.41 12.54
N ALA B 49 13.33 -4.24 11.66
CA ALA B 49 12.08 -3.63 12.08
C ALA B 49 11.30 -4.54 13.01
N ASN B 50 11.60 -5.83 12.97
CA ASN B 50 10.88 -6.79 13.78
C ASN B 50 11.68 -7.22 15.00
N SER B 51 12.79 -6.52 15.25
CA SER B 51 13.78 -6.97 16.23
C SER B 51 13.44 -6.54 17.66
N PHE B 52 14.21 -7.06 18.60
CA PHE B 52 14.10 -6.71 20.03
C PHE B 52 14.32 -5.22 20.37
N ILE B 53 14.87 -4.44 19.43
CA ILE B 53 15.22 -3.06 19.75
C ILE B 53 13.93 -2.24 19.92
N PRO B 54 13.73 -1.64 21.11
CA PRO B 54 12.57 -0.76 21.30
C PRO B 54 12.60 0.41 20.33
N MET B 55 11.47 0.67 19.70
CA MET B 55 11.41 1.80 18.80
C MET B 55 9.99 2.30 18.67
N ALA B 56 9.87 3.57 18.33
CA ALA B 56 8.57 4.19 18.13
C ALA B 56 7.92 3.60 16.89
N THR B 57 6.59 3.58 16.86
CA THR B 57 5.89 2.98 15.74
C THR B 57 6.29 3.63 14.40
N GLN B 58 6.61 4.93 14.41
CA GLN B 58 6.99 5.59 13.17
C GLN B 58 8.38 5.17 12.72
N THR B 59 9.23 4.79 13.68
CA THR B 59 10.57 4.29 13.37
C THR B 59 10.50 2.89 12.75
N VAL B 60 9.62 2.05 13.29
CA VAL B 60 9.34 0.75 12.69
C VAL B 60 8.96 0.93 11.22
N GLU B 61 8.11 1.92 10.96
CA GLU B 61 7.58 2.06 9.60
C GLU B 61 8.62 2.57 8.61
N GLN B 62 9.48 3.47 9.07
CA GLN B 62 10.56 3.97 8.22
C GLN B 62 11.50 2.84 7.80
N ILE B 63 11.84 1.97 8.75
CA ILE B 63 12.77 0.88 8.47
C ILE B 63 12.11 -0.23 7.63
N LEU B 64 10.83 -0.49 7.90
CA LEU B 64 10.14 -1.63 7.29
C LEU B 64 9.87 -1.40 5.80
N ILE B 65 10.69 -2.04 4.96
CA ILE B 65 10.46 -1.94 3.54
C ILE B 65 10.27 -3.36 3.03
N ILE B 66 9.13 -3.57 2.39
CA ILE B 66 8.73 -4.88 1.96
C ILE B 66 8.80 -4.92 0.45
N ILE B 67 9.79 -5.63 -0.08
CA ILE B 67 10.03 -5.72 -1.51
C ILE B 67 10.16 -7.18 -1.91
N THR B 68 9.25 -7.64 -2.76
CA THR B 68 9.25 -9.04 -3.16
C THR B 68 10.26 -9.27 -4.28
N LYS B 69 10.80 -10.49 -4.34
CA LYS B 69 11.51 -10.98 -5.53
C LYS B 69 10.58 -10.90 -6.72
N PHE B 70 11.15 -10.83 -7.93
CA PHE B 70 10.34 -10.67 -9.13
C PHE B 70 9.23 -11.72 -9.25
N LYS B 71 9.54 -12.97 -8.90
CA LYS B 71 8.57 -14.06 -8.98
C LYS B 71 7.26 -13.75 -8.25
N PHE B 72 7.37 -13.18 -7.06
CA PHE B 72 6.18 -12.94 -6.25
C PHE B 72 5.62 -11.50 -6.38
N SER B 73 6.10 -10.76 -7.37
CA SER B 73 5.63 -9.38 -7.53
C SER B 73 4.15 -9.32 -7.90
N ARG B 74 3.65 -10.42 -8.48
CA ARG B 74 2.22 -10.59 -8.83
C ARG B 74 1.26 -10.46 -7.66
N SER B 75 1.73 -10.79 -6.46
CA SER B 75 0.86 -10.72 -5.29
C SER B 75 1.40 -9.76 -4.21
N ARG B 76 2.27 -8.83 -4.63
CA ARG B 76 2.85 -7.84 -3.71
C ARG B 76 1.80 -7.11 -2.89
N ASP B 77 0.70 -6.68 -3.52
CA ASP B 77 -0.28 -5.87 -2.81
C ASP B 77 -0.79 -6.60 -1.58
N LEU B 78 -1.06 -7.90 -1.73
CA LEU B 78 -1.53 -8.70 -0.60
C LEU B 78 -0.41 -8.95 0.40
N LEU B 79 0.74 -9.38 -0.09
CA LEU B 79 1.83 -9.74 0.82
C LEU B 79 2.27 -8.58 1.71
N MET B 80 2.34 -7.38 1.12
CA MET B 80 2.76 -6.20 1.88
C MET B 80 1.85 -5.94 3.09
N SER B 81 0.54 -5.90 2.86
CA SER B 81 -0.42 -5.70 3.96
C SER B 81 -0.30 -6.77 5.05
N VAL B 82 -0.19 -8.02 4.64
CA VAL B 82 -0.17 -9.09 5.64
C VAL B 82 1.14 -9.06 6.41
N PHE B 83 2.25 -8.81 5.73
CA PHE B 83 3.56 -8.88 6.37
C PHE B 83 3.69 -7.72 7.34
N ARG B 84 3.26 -6.54 6.91
CA ARG B 84 3.22 -5.38 7.79
C ARG B 84 2.43 -5.68 9.05
N LEU B 85 1.22 -6.22 8.89
CA LEU B 85 0.40 -6.58 10.03
C LEU B 85 1.13 -7.53 10.97
N GLY B 86 1.77 -8.55 10.41
CA GLY B 86 2.51 -9.51 11.19
C GLY B 86 3.62 -8.88 12.02
N VAL B 87 4.35 -7.94 11.42
CA VAL B 87 5.39 -7.25 12.16
C VAL B 87 4.77 -6.50 13.33
N HIS B 88 3.66 -5.81 13.10
CA HIS B 88 2.97 -5.06 14.16
C HIS B 88 2.57 -5.97 15.32
N ILE B 89 1.99 -7.12 14.98
CA ILE B 89 1.54 -8.06 15.98
C ILE B 89 2.75 -8.61 16.74
N ASN B 90 3.82 -8.94 16.02
CA ASN B 90 5.01 -9.47 16.67
C ASN B 90 5.63 -8.48 17.64
N ARG B 91 5.70 -7.21 17.23
CA ARG B 91 6.28 -6.19 18.10
C ARG B 91 5.38 -6.00 19.30
N PHE B 92 4.06 -6.03 19.08
CA PHE B 92 3.11 -5.89 20.17
C PHE B 92 3.35 -6.96 21.23
N TYR B 93 3.41 -8.22 20.79
CA TYR B 93 3.56 -9.34 21.71
C TYR B 93 4.92 -9.34 22.41
N ALA B 94 5.96 -9.18 21.60
CA ALA B 94 7.34 -9.14 22.09
C ALA B 94 7.57 -7.98 23.03
N GLY B 95 7.00 -6.83 22.66
CA GLY B 95 7.10 -5.62 23.43
C GLY B 95 6.53 -5.77 24.82
N LYS B 96 5.33 -6.37 24.90
CA LYS B 96 4.69 -6.55 26.19
C LYS B 96 5.51 -7.39 27.15
N ASN B 97 6.05 -8.51 26.66
CA ASN B 97 6.90 -9.36 27.48
C ASN B 97 8.19 -8.65 27.87
N GLN B 98 8.73 -7.86 26.95
CA GLN B 98 9.98 -7.14 27.19
C GLN B 98 9.86 -6.05 28.26
N VAL B 99 8.82 -5.23 28.14
CA VAL B 99 8.70 -4.09 29.06
C VAL B 99 8.37 -4.62 30.45
N LYS B 100 7.72 -5.79 30.52
CA LYS B 100 7.37 -6.39 31.80
C LYS B 100 8.65 -6.71 32.53
N HIS B 101 9.59 -7.32 31.81
CA HIS B 101 10.87 -7.68 32.40
C HIS B 101 11.70 -6.43 32.73
N MET B 102 11.69 -5.44 31.84
CA MET B 102 12.36 -4.16 32.13
C MET B 102 11.87 -3.54 33.43
N ILE B 103 10.56 -3.60 33.63
CA ILE B 103 9.94 -3.03 34.83
C ILE B 103 10.42 -3.81 36.07
N THR B 104 10.41 -5.14 35.96
CA THR B 104 10.91 -5.98 37.05
C THR B 104 12.37 -5.68 37.40
N MET B 105 13.22 -5.55 36.39
CA MET B 105 14.63 -5.28 36.65
C MET B 105 14.90 -3.89 37.24
N MET B 106 14.26 -2.85 36.70
CA MET B 106 14.47 -1.48 37.20
C MET B 106 13.85 -1.30 38.60
N LYS B 107 12.70 -1.95 38.82
CA LYS B 107 12.04 -1.91 40.13
C LYS B 107 12.93 -2.53 41.22
N SER B 108 13.71 -3.54 40.85
CA SER B 108 14.50 -4.25 41.84
C SER B 108 15.66 -3.41 42.41
N LEU B 109 15.97 -2.30 41.77
CA LEU B 109 17.05 -1.42 42.25
C LEU B 109 16.78 -0.86 43.65
N PHE B 110 15.53 -0.55 43.96
CA PHE B 110 15.23 0.08 45.23
C PHE B 110 14.02 -0.53 45.90
N ASP B 111 13.89 -1.86 45.83
CA ASP B 111 12.70 -2.48 46.37
C ASP B 111 12.87 -2.92 47.82
N THR B 112 13.97 -2.51 48.45
CA THR B 112 14.19 -2.75 49.88
C THR B 112 14.40 -1.43 50.60
N GLU B 113 14.03 -1.36 51.87
CA GLU B 113 14.20 -0.11 52.63
C GLU B 113 15.67 0.32 52.61
N GLU B 114 16.58 -0.65 52.70
CA GLU B 114 18.00 -0.32 52.75
C GLU B 114 18.44 0.35 51.45
N ALA B 115 17.94 -0.15 50.32
CA ALA B 115 18.30 0.45 49.03
C ALA B 115 17.65 1.82 48.85
N MET B 116 16.44 1.99 49.37
CA MET B 116 15.75 3.27 49.24
C MET B 116 16.43 4.36 50.08
N ARG B 117 16.86 4.01 51.29
CA ARG B 117 17.59 4.94 52.16
C ARG B 117 18.93 5.35 51.55
N GLN B 118 19.58 4.41 50.85
CA GLN B 118 20.82 4.71 50.13
C GLN B 118 20.59 5.78 49.05
N LEU B 119 19.47 5.64 48.35
CA LEU B 119 19.04 6.59 47.33
C LEU B 119 18.68 7.94 47.96
N ASP B 120 17.91 7.89 49.06
CA ASP B 120 17.59 9.08 49.85
C ASP B 120 18.84 9.89 50.20
N ARG B 121 19.86 9.21 50.68
CA ARG B 121 21.12 9.84 51.07
C ARG B 121 21.78 10.51 49.87
N ALA B 122 21.88 9.77 48.77
CA ALA B 122 22.44 10.28 47.53
C ALA B 122 21.70 11.53 47.04
N LEU B 123 20.37 11.48 47.03
CA LEU B 123 19.55 12.62 46.60
C LEU B 123 19.85 13.83 47.47
N MET B 124 19.91 13.59 48.78
CA MET B 124 20.22 14.65 49.73
C MET B 124 21.57 15.28 49.41
N GLY B 125 22.54 14.45 49.06
CA GLY B 125 23.88 14.92 48.74
C GLY B 125 23.90 15.81 47.52
N LEU B 126 23.20 15.39 46.48
CA LEU B 126 23.26 16.10 45.20
C LEU B 126 22.42 17.37 45.22
N PHE B 127 21.29 17.29 45.92
CA PHE B 127 20.37 18.42 46.01
C PHE B 127 20.55 19.24 47.29
N VAL B 128 21.77 19.21 47.83
CA VAL B 128 22.12 19.96 49.03
C VAL B 128 21.80 21.46 48.92
N ASP B 129 21.91 22.02 47.73
CA ASP B 129 21.66 23.45 47.53
C ASP B 129 20.34 23.72 46.84
N ALA B 130 19.46 22.72 46.82
CA ALA B 130 18.19 22.85 46.08
C ALA B 130 17.26 23.93 46.64
N ARG B 131 16.64 24.69 45.74
CA ARG B 131 15.69 25.75 46.07
C ARG B 131 14.48 25.26 46.88
N ASP B 132 13.98 24.07 46.57
CA ASP B 132 12.89 23.44 47.33
C ASP B 132 13.01 21.92 47.27
N ASN B 133 11.94 21.21 47.67
CA ASN B 133 12.03 19.75 47.75
C ASN B 133 11.36 19.03 46.58
N SER B 134 11.32 19.69 45.42
CA SER B 134 10.64 19.16 44.25
C SER B 134 11.27 17.87 43.72
N TYR B 135 12.50 17.58 44.10
CA TYR B 135 13.15 16.36 43.63
C TYR B 135 12.44 15.13 44.17
N MET B 136 11.64 15.29 45.22
CA MET B 136 10.95 14.14 45.79
C MET B 136 9.81 13.66 44.88
N PRO B 137 8.81 14.51 44.59
CA PRO B 137 7.79 13.98 43.67
C PRO B 137 8.25 13.86 42.23
N LEU B 138 9.17 14.71 41.79
CA LEU B 138 9.60 14.68 40.40
C LEU B 138 10.56 13.53 40.09
N ILE B 139 11.39 13.15 41.06
CA ILE B 139 12.39 12.13 40.81
C ILE B 139 12.24 10.95 41.76
N ALA B 140 12.35 11.21 43.06
CA ALA B 140 12.39 10.14 44.04
C ALA B 140 11.14 9.24 43.97
N LEU B 141 9.97 9.83 43.78
CA LEU B 141 8.72 9.09 43.85
C LEU B 141 8.18 8.74 42.46
N SER B 142 9.00 8.94 41.43
CA SER B 142 8.57 8.76 40.04
C SER B 142 9.40 7.71 39.32
N LEU B 143 10.17 6.94 40.08
CA LEU B 143 10.99 5.89 39.49
C LEU B 143 10.19 4.60 39.36
N HIS B 144 9.15 4.65 38.53
CA HIS B 144 8.30 3.48 38.29
C HIS B 144 7.67 3.60 36.90
N GLU B 145 6.91 2.59 36.49
CA GLU B 145 6.44 2.50 35.11
C GLU B 145 5.45 3.58 34.68
N ASN B 146 4.90 4.33 35.63
CA ASN B 146 3.98 5.43 35.31
C ASN B 146 4.55 6.78 35.69
N GLY B 147 5.83 6.79 36.07
CA GLY B 147 6.41 7.94 36.72
C GLY B 147 6.84 9.08 35.81
N LEU B 148 7.35 8.76 34.62
CA LEU B 148 8.05 9.80 33.84
C LEU B 148 7.66 9.86 32.37
N PRO B 149 6.40 10.22 32.09
CA PRO B 149 6.03 10.60 30.72
C PRO B 149 6.93 11.74 30.23
N ASP B 150 6.97 11.97 28.93
CA ASP B 150 7.86 12.97 28.32
C ASP B 150 7.86 14.33 29.03
N SER B 151 6.67 14.86 29.30
CA SER B 151 6.57 16.21 29.89
C SER B 151 7.21 16.28 31.27
N LYS B 152 7.05 15.22 32.05
CA LYS B 152 7.60 15.19 33.39
C LYS B 152 9.09 14.84 33.37
N PHE B 153 9.50 14.10 32.35
CA PHE B 153 10.90 13.70 32.18
C PHE B 153 11.77 14.92 31.90
N ILE B 154 11.26 15.83 31.08
CA ILE B 154 11.96 17.05 30.73
C ILE B 154 12.24 17.87 31.99
N LYS B 155 11.21 18.02 32.82
CA LYS B 155 11.35 18.77 34.06
C LYS B 155 12.31 18.10 35.03
N ALA B 156 12.23 16.78 35.13
CA ALA B 156 13.13 16.03 35.99
C ALA B 156 14.60 16.22 35.60
N VAL B 157 14.88 16.15 34.30
CA VAL B 157 16.25 16.31 33.82
C VAL B 157 16.73 17.74 34.04
N ARG B 158 15.87 18.70 33.78
CA ARG B 158 16.26 20.08 34.04
C ARG B 158 16.59 20.30 35.51
N LEU B 159 15.83 19.68 36.40
CA LEU B 159 16.09 19.82 37.83
C LEU B 159 17.42 19.17 38.21
N ILE B 160 17.69 17.99 37.66
CA ILE B 160 18.97 17.33 37.91
C ILE B 160 20.11 18.25 37.46
N GLN B 161 19.93 18.86 36.29
CA GLN B 161 20.98 19.65 35.67
C GLN B 161 21.33 20.91 36.47
N THR B 162 20.41 21.37 37.31
CA THR B 162 20.69 22.54 38.16
C THR B 162 21.70 22.24 39.26
N THR B 163 21.96 20.97 39.54
CA THR B 163 22.87 20.61 40.64
C THR B 163 24.34 20.67 40.27
N VAL B 164 24.67 21.13 39.06
CA VAL B 164 26.07 21.17 38.63
C VAL B 164 26.90 22.20 39.40
N ASN B 165 26.24 23.10 40.11
CA ASN B 165 26.98 24.10 40.86
C ASN B 165 27.26 23.65 42.29
N SER B 166 26.85 22.43 42.61
CA SER B 166 27.07 21.87 43.93
C SER B 166 28.25 20.89 43.95
N PHE B 167 28.81 20.60 42.78
CA PHE B 167 30.05 19.86 42.70
C PHE B 167 30.89 20.37 41.53
N HIS B 168 32.14 19.92 41.43
CA HIS B 168 32.98 20.35 40.32
C HIS B 168 32.71 19.46 39.11
N ASN B 169 31.85 19.95 38.24
CA ASN B 169 31.51 19.25 37.03
C ASN B 169 32.60 19.45 35.98
N ARG B 170 33.35 18.38 35.71
CA ARG B 170 34.36 18.41 34.64
C ARG B 170 34.11 17.28 33.66
N PRO B 171 33.16 17.48 32.75
CA PRO B 171 32.77 16.42 31.81
C PRO B 171 33.96 15.93 30.99
N ASP B 172 34.02 14.62 30.74
CA ASP B 172 35.01 14.07 29.83
C ASP B 172 34.87 14.72 28.45
N ALA B 173 36.00 14.99 27.79
CA ALA B 173 35.95 15.52 26.43
C ALA B 173 35.23 14.53 25.54
N ASP B 174 34.37 15.04 24.67
CA ASP B 174 33.68 14.22 23.67
C ASP B 174 32.78 13.13 24.26
N ILE B 175 32.27 13.36 25.47
CA ILE B 175 31.32 12.44 26.09
C ILE B 175 30.01 12.34 25.27
N GLU B 176 29.61 13.43 24.62
CA GLU B 176 28.37 13.43 23.82
C GLU B 176 28.45 12.36 22.72
N GLN B 177 29.54 12.39 21.95
CA GLN B 177 29.76 11.39 20.91
C GLN B 177 29.88 9.99 21.50
N TYR B 178 30.60 9.91 22.62
CA TYR B 178 30.81 8.66 23.32
C TYR B 178 29.50 8.00 23.75
N ALA B 179 28.52 8.81 24.15
CA ALA B 179 27.26 8.30 24.68
C ALA B 179 26.29 7.88 23.59
N GLU B 180 26.61 8.20 22.34
CA GLU B 180 25.73 7.85 21.22
C GLU B 180 25.51 6.34 21.14
N LYS B 181 26.45 5.56 21.69
CA LYS B 181 26.31 4.11 21.66
C LYS B 181 25.14 3.63 22.53
N LEU B 182 24.60 4.50 23.39
CA LEU B 182 23.50 4.08 24.26
C LEU B 182 22.20 3.80 23.49
N ARG B 183 22.17 4.12 22.21
CA ARG B 183 21.00 3.78 21.41
C ARG B 183 21.24 2.58 20.48
N ALA B 184 22.39 1.93 20.61
CA ALA B 184 22.69 0.75 19.79
C ALA B 184 21.61 -0.34 19.93
N TYR B 185 21.12 -0.55 21.15
CA TYR B 185 20.09 -1.56 21.41
C TYR B 185 18.72 -0.97 21.75
N ASN B 186 18.54 0.33 21.52
CA ASN B 186 17.30 0.97 21.93
C ASN B 186 17.11 2.30 21.22
N TYR B 187 16.18 2.36 20.27
CA TYR B 187 15.93 3.57 19.50
C TYR B 187 14.87 4.46 20.12
N LEU B 188 14.20 3.96 21.15
CA LEU B 188 13.21 4.74 21.89
C LEU B 188 13.90 5.60 22.94
N TYR B 189 15.07 5.14 23.38
CA TYR B 189 15.80 5.78 24.48
C TYR B 189 16.28 7.19 24.16
N LYS B 190 15.97 8.14 25.04
CA LYS B 190 16.45 9.52 24.88
C LYS B 190 17.74 9.71 25.68
N ILE B 191 18.84 9.95 24.98
CA ILE B 191 20.13 10.09 25.67
C ILE B 191 20.30 11.45 26.34
N PRO B 192 20.39 11.46 27.69
CA PRO B 192 20.62 12.74 28.37
C PRO B 192 22.09 13.15 28.37
N LYS B 193 22.37 14.34 28.90
CA LYS B 193 23.69 14.92 28.84
C LYS B 193 24.60 14.38 29.95
N TYR B 194 25.08 13.15 29.77
CA TYR B 194 26.04 12.54 30.70
C TYR B 194 27.35 13.31 30.70
N THR B 195 28.18 13.05 31.71
CA THR B 195 29.47 13.73 31.84
C THR B 195 30.67 12.79 31.94
N LEU B 196 30.43 11.51 32.29
CA LEU B 196 31.52 10.58 32.50
C LEU B 196 31.42 9.36 31.58
N LYS B 197 32.52 9.05 30.90
CA LYS B 197 32.59 7.86 30.06
C LYS B 197 32.47 6.58 30.91
N GLU B 198 33.04 6.64 32.11
CA GLU B 198 32.89 5.57 33.09
C GLU B 198 31.43 5.23 33.32
N ALA B 199 30.60 6.26 33.45
CA ALA B 199 29.18 6.09 33.67
C ALA B 199 28.53 5.53 32.40
N VAL B 200 28.84 6.14 31.27
CA VAL B 200 28.24 5.72 30.00
C VAL B 200 28.52 4.24 29.71
N ASP B 201 29.72 3.76 30.01
CA ASP B 201 30.08 2.34 29.84
C ASP B 201 29.15 1.37 30.59
N ILE B 202 28.83 1.75 31.82
CA ILE B 202 27.92 0.98 32.64
C ILE B 202 26.51 1.01 32.08
N TYR B 203 26.06 2.20 31.70
CA TYR B 203 24.68 2.35 31.20
C TYR B 203 24.53 1.65 29.85
N SER B 204 25.60 1.58 29.07
CA SER B 204 25.58 0.81 27.82
C SER B 204 25.28 -0.67 28.07
N ASP B 205 25.96 -1.26 29.05
CA ASP B 205 25.68 -2.64 29.43
C ASP B 205 24.26 -2.77 29.98
N ASN B 206 23.85 -1.83 30.83
CA ASN B 206 22.49 -1.88 31.37
C ASN B 206 21.42 -1.89 30.29
N LEU B 207 21.53 -0.99 29.31
CA LEU B 207 20.53 -0.85 28.26
C LEU B 207 20.54 -2.08 27.34
N LYS B 208 21.72 -2.56 27.01
CA LYS B 208 21.82 -3.80 26.25
C LYS B 208 21.16 -4.94 27.02
N ASP B 209 21.44 -5.04 28.31
CA ASP B 209 20.83 -6.08 29.14
C ASP B 209 19.31 -5.98 29.15
N LEU B 210 18.78 -4.76 29.28
CA LEU B 210 17.34 -4.55 29.32
C LEU B 210 16.64 -4.99 28.03
N THR B 211 17.27 -4.72 26.89
CA THR B 211 16.71 -5.11 25.61
C THR B 211 16.75 -6.64 25.39
N ILE B 212 17.87 -7.24 25.73
CA ILE B 212 18.02 -8.70 25.56
C ILE B 212 17.13 -9.45 26.56
N GLY B 213 16.91 -8.84 27.73
CA GLY B 213 16.15 -9.49 28.79
C GLY B 213 17.05 -10.33 29.69
N VAL B 214 18.26 -9.85 29.91
CA VAL B 214 19.24 -10.54 30.75
C VAL B 214 18.81 -10.51 32.21
N ASN B 215 18.92 -11.64 32.90
CA ASN B 215 18.55 -11.70 34.31
C ASN B 215 19.67 -11.18 35.21
N LYS B 216 19.88 -9.87 35.15
CA LYS B 216 20.92 -9.21 35.92
C LYS B 216 20.44 -7.81 36.24
N LYS B 217 20.42 -7.49 37.53
CA LYS B 217 20.07 -6.16 38.00
C LYS B 217 20.97 -5.11 37.37
N PRO B 218 20.40 -3.95 36.99
CA PRO B 218 21.20 -2.83 36.47
C PRO B 218 22.28 -2.41 37.46
N THR B 219 23.43 -1.98 36.95
CA THR B 219 24.49 -1.45 37.79
C THR B 219 24.40 0.09 37.84
N LEU B 220 24.63 0.66 39.02
CA LEU B 220 24.74 2.11 39.16
C LEU B 220 26.12 2.47 39.68
N LEU B 221 26.63 3.61 39.28
CA LEU B 221 27.94 4.07 39.76
C LEU B 221 27.96 4.34 41.27
N PHE B 222 26.93 5.01 41.79
CA PHE B 222 27.01 5.47 43.18
C PHE B 222 26.91 4.33 44.19
N THR B 223 26.42 3.17 43.75
CA THR B 223 26.36 1.99 44.62
C THR B 223 27.50 1.00 44.35
N SER B 224 28.45 1.37 43.49
CA SER B 224 29.59 0.51 43.20
C SER B 224 30.86 0.97 43.93
N SER B 225 30.85 2.22 44.39
CA SER B 225 32.03 2.81 45.00
C SER B 225 31.64 3.96 45.94
N ASP B 226 32.64 4.75 46.32
CA ASP B 226 32.40 5.94 47.14
C ASP B 226 33.10 7.15 46.51
N ASP B 227 33.84 6.88 45.44
CA ASP B 227 34.65 7.90 44.77
C ASP B 227 33.82 8.93 44.00
N ALA B 228 34.34 10.16 43.93
CA ALA B 228 33.71 11.26 43.18
C ALA B 228 32.20 11.33 43.37
N TYR B 229 31.77 11.15 44.61
CA TYR B 229 30.39 10.87 44.98
C TYR B 229 29.35 11.61 44.12
N LEU B 230 29.38 12.94 44.16
CA LEU B 230 28.27 13.70 43.57
C LEU B 230 28.13 13.56 42.05
N SER B 231 29.24 13.53 41.33
CA SER B 231 29.18 13.37 39.87
C SER B 231 28.62 11.98 39.50
N HIS B 232 28.86 11.00 40.36
CA HIS B 232 28.38 9.65 40.11
C HIS B 232 26.86 9.57 40.22
N ILE B 233 26.33 10.13 41.31
CA ILE B 233 24.89 10.25 41.51
C ILE B 233 24.22 11.07 40.41
N TYR B 234 24.89 12.15 40.00
CA TYR B 234 24.39 13.02 38.93
C TYR B 234 24.12 12.20 37.66
N ASN B 235 25.12 11.45 37.22
CA ASN B 235 24.97 10.60 36.04
C ASN B 235 23.96 9.47 36.24
N ASP B 236 23.93 8.90 37.44
CA ASP B 236 23.03 7.80 37.77
C ASP B 236 21.57 8.22 37.68
N LEU B 237 21.25 9.42 38.17
CA LEU B 237 19.91 9.96 38.10
C LEU B 237 19.49 10.23 36.66
N LEU B 238 20.45 10.66 35.85
CA LEU B 238 20.19 10.85 34.43
C LEU B 238 19.85 9.52 33.80
N PHE B 239 20.60 8.47 34.16
CA PHE B 239 20.31 7.14 33.67
C PHE B 239 18.96 6.66 34.18
N LEU B 240 18.70 6.81 35.47
CA LEU B 240 17.45 6.30 36.04
C LEU B 240 16.21 6.93 35.42
N THR B 241 16.22 8.27 35.29
CA THR B 241 15.08 8.96 34.75
C THR B 241 14.89 8.67 33.25
N SER B 242 15.96 8.70 32.47
CA SER B 242 15.83 8.43 31.03
C SER B 242 15.33 7.01 30.76
N THR B 243 15.78 6.05 31.57
CA THR B 243 15.41 4.65 31.36
C THR B 243 13.95 4.45 31.74
N TRP B 244 13.51 5.10 32.82
CA TRP B 244 12.10 4.99 33.17
C TRP B 244 11.22 5.74 32.18
N ASN B 245 11.70 6.86 31.63
CA ASN B 245 10.97 7.50 30.55
C ASN B 245 10.84 6.57 29.34
N MET B 246 11.92 5.88 29.01
CA MET B 246 11.93 4.93 27.90
C MET B 246 10.90 3.82 28.13
N ILE B 247 10.86 3.30 29.36
CA ILE B 247 9.92 2.24 29.71
C ILE B 247 8.47 2.72 29.57
N TYR B 248 8.21 3.94 30.01
CA TYR B 248 6.87 4.51 29.89
C TYR B 248 6.47 4.55 28.42
N ASN B 249 7.39 5.02 27.58
CA ASN B 249 7.09 5.17 26.16
C ASN B 249 6.96 3.82 25.45
N CYS B 250 7.59 2.77 25.99
CA CYS B 250 7.34 1.41 25.51
C CYS B 250 5.87 1.06 25.69
N LYS B 251 5.35 1.29 26.89
CA LYS B 251 3.93 1.03 27.13
C LYS B 251 3.04 1.83 26.17
N LYS B 252 3.38 3.10 25.96
CA LYS B 252 2.64 3.96 25.02
C LYS B 252 2.68 3.41 23.58
N GLU B 253 3.85 3.00 23.14
CA GLU B 253 3.98 2.49 21.77
C GLU B 253 3.27 1.13 21.61
N ILE B 254 3.26 0.33 22.66
CA ILE B 254 2.49 -0.91 22.65
C ILE B 254 1.00 -0.63 22.48
N ARG B 255 0.54 0.42 23.16
CA ARG B 255 -0.85 0.86 23.03
C ARG B 255 -1.11 1.32 21.59
N ARG B 256 -0.17 2.07 21.03
CA ARG B 256 -0.30 2.54 19.64
C ARG B 256 -0.32 1.39 18.62
N LEU B 257 0.52 0.38 18.82
CA LEU B 257 0.48 -0.81 17.96
C LEU B 257 -0.86 -1.54 18.08
N ASN B 258 -1.34 -1.73 19.31
CA ASN B 258 -2.61 -2.42 19.53
C ASN B 258 -3.75 -1.73 18.80
N THR B 259 -3.78 -0.40 18.87
CA THR B 259 -4.82 0.37 18.24
C THR B 259 -4.76 0.22 16.71
N TRP B 260 -3.56 0.27 16.16
CA TRP B 260 -3.38 0.13 14.72
C TRP B 260 -3.78 -1.26 14.24
N ILE B 261 -3.36 -2.29 14.98
CA ILE B 261 -3.59 -3.68 14.61
C ILE B 261 -5.09 -3.97 14.45
N LYS B 262 -5.89 -3.50 15.40
CA LYS B 262 -7.32 -3.76 15.33
C LYS B 262 -7.93 -3.19 14.08
N TYR B 263 -7.52 -1.96 13.70
CA TYR B 263 -7.99 -1.36 12.46
C TYR B 263 -7.43 -2.09 11.22
N GLU B 264 -6.15 -2.45 11.24
CA GLU B 264 -5.58 -3.21 10.11
C GLU B 264 -6.33 -4.54 9.91
N ILE B 265 -6.73 -5.17 10.99
CA ILE B 265 -7.41 -6.47 10.89
C ILE B 265 -8.84 -6.29 10.36
N ASN B 266 -9.58 -5.33 10.89
CA ASN B 266 -10.92 -5.10 10.37
C ASN B 266 -10.93 -4.68 8.91
N SER B 267 -9.96 -3.87 8.51
CA SER B 267 -9.96 -3.38 7.13
C SER B 267 -9.48 -4.45 6.15
N ILE B 268 -8.69 -5.42 6.62
CA ILE B 268 -8.20 -6.44 5.70
C ILE B 268 -9.26 -7.49 5.36
N MET B 269 -10.41 -7.45 6.04
CA MET B 269 -11.48 -8.41 5.72
C MET B 269 -12.01 -8.16 4.30
N GLU B 270 -12.14 -6.89 3.91
CA GLU B 270 -12.56 -6.55 2.55
C GLU B 270 -11.51 -6.97 1.54
N THR B 271 -10.23 -6.84 1.90
CA THR B 271 -9.14 -7.29 1.04
C THR B 271 -9.26 -8.78 0.78
N ALA B 272 -9.48 -9.55 1.83
CA ALA B 272 -9.58 -11.00 1.70
C ALA B 272 -10.78 -11.43 0.86
N VAL B 273 -11.91 -10.75 1.03
CA VAL B 273 -13.08 -11.02 0.19
C VAL B 273 -12.75 -10.71 -1.27
N LEU B 274 -12.07 -9.61 -1.53
CA LEU B 274 -11.70 -9.30 -2.91
C LEU B 274 -10.73 -10.33 -3.49
N VAL B 275 -9.80 -10.83 -2.69
CA VAL B 275 -8.93 -11.90 -3.16
C VAL B 275 -9.77 -13.14 -3.50
N GLY B 276 -10.79 -13.39 -2.70
CA GLY B 276 -11.68 -14.53 -2.92
C GLY B 276 -12.50 -14.42 -4.20
N PHE B 277 -12.63 -13.21 -4.73
CA PHE B 277 -13.23 -13.01 -6.05
C PHE B 277 -12.32 -13.49 -7.16
N GLN B 278 -11.02 -13.33 -6.95
CA GLN B 278 -10.02 -13.76 -7.91
C GLN B 278 -9.77 -15.26 -7.77
N LEU B 279 -9.88 -15.76 -6.54
CA LEU B 279 -9.62 -17.16 -6.24
C LEU B 279 -10.70 -17.75 -5.33
N PRO B 280 -11.84 -18.14 -5.93
CA PRO B 280 -12.98 -18.59 -5.12
C PRO B 280 -12.70 -19.85 -4.30
N ASP B 281 -11.65 -20.60 -4.63
CA ASP B 281 -11.23 -21.76 -3.83
C ASP B 281 -10.97 -21.39 -2.37
N LEU B 282 -10.68 -20.11 -2.15
CA LEU B 282 -10.39 -19.60 -0.81
C LEU B 282 -11.64 -19.34 0.03
N LYS B 283 -12.82 -19.56 -0.54
CA LYS B 283 -14.08 -19.22 0.16
C LYS B 283 -14.13 -19.65 1.62
N GLU B 284 -13.86 -20.92 1.91
CA GLU B 284 -13.96 -21.39 3.29
C GLU B 284 -12.89 -20.75 4.19
N THR B 285 -11.72 -20.50 3.62
CA THR B 285 -10.65 -19.84 4.37
C THR B 285 -11.06 -18.43 4.75
N ILE B 286 -11.66 -17.72 3.80
CA ILE B 286 -12.11 -16.36 4.02
C ILE B 286 -13.25 -16.30 5.04
N LEU B 287 -14.20 -17.23 4.95
CA LEU B 287 -15.28 -17.26 5.93
C LEU B 287 -14.75 -17.63 7.32
N ASP B 288 -13.71 -18.45 7.37
CA ASP B 288 -13.10 -18.78 8.67
C ASP B 288 -12.43 -17.53 9.23
N LEU B 289 -11.78 -16.77 8.35
CA LEU B 289 -11.18 -15.50 8.72
C LEU B 289 -12.23 -14.56 9.31
N ALA B 290 -13.39 -14.47 8.66
CA ALA B 290 -14.46 -13.61 9.14
C ALA B 290 -14.94 -13.98 10.53
N ALA B 291 -15.06 -15.29 10.79
CA ALA B 291 -15.44 -15.78 12.12
C ALA B 291 -14.39 -15.39 13.18
N LEU B 292 -13.11 -15.50 12.84
CA LEU B 292 -12.03 -15.12 13.76
C LEU B 292 -12.10 -13.64 14.10
N ILE B 293 -12.30 -12.81 13.08
CA ILE B 293 -12.36 -11.37 13.30
C ILE B 293 -13.64 -11.03 14.06
N SER B 294 -14.72 -11.74 13.76
CA SER B 294 -15.95 -11.55 14.54
C SER B 294 -15.69 -11.80 16.02
N ASN B 295 -15.02 -12.90 16.32
CA ASN B 295 -14.74 -13.25 17.71
C ASN B 295 -13.84 -12.21 18.39
N MET B 296 -12.90 -11.66 17.62
CA MET B 296 -12.04 -10.61 18.12
C MET B 296 -12.86 -9.35 18.46
N ASN B 297 -13.82 -8.99 17.62
CA ASN B 297 -14.62 -7.79 17.85
C ASN B 297 -15.68 -7.97 18.93
N LEU B 298 -15.90 -9.21 19.31
CA LEU B 298 -16.92 -9.60 20.29
C LEU B 298 -16.43 -9.33 21.70
N VAL B 299 -15.12 -9.31 21.86
CA VAL B 299 -14.45 -9.24 23.15
C VAL B 299 -14.63 -7.89 23.84
N SER B 300 -14.88 -7.93 25.15
CA SER B 300 -14.99 -6.72 25.99
C SER B 300 -13.75 -5.84 25.86
N PRO B 301 -13.94 -4.50 25.96
CA PRO B 301 -12.88 -3.49 25.78
C PRO B 301 -11.60 -3.73 26.61
N ASP B 302 -11.74 -4.30 27.80
CA ASP B 302 -10.60 -4.42 28.71
C ASP B 302 -9.64 -5.59 28.41
N LYS B 303 -10.07 -6.54 27.59
CA LYS B 303 -9.33 -7.81 27.48
C LYS B 303 -8.16 -7.83 26.48
N GLU B 304 -7.28 -8.81 26.67
CA GLU B 304 -6.13 -9.04 25.82
C GLU B 304 -6.52 -9.74 24.52
N LEU B 305 -6.19 -9.11 23.39
CA LEU B 305 -6.60 -9.64 22.11
C LEU B 305 -5.57 -10.53 21.41
N PHE B 306 -4.37 -10.70 21.96
CA PHE B 306 -3.35 -11.46 21.24
C PHE B 306 -3.76 -12.85 20.75
N PRO B 307 -4.48 -13.65 21.57
CA PRO B 307 -4.85 -14.97 21.06
C PRO B 307 -5.60 -14.89 19.73
N HIS B 308 -6.42 -13.86 19.57
CA HIS B 308 -7.13 -13.61 18.31
C HIS B 308 -6.16 -13.17 17.23
N TYR B 309 -5.26 -12.25 17.55
CA TYR B 309 -4.24 -11.81 16.60
C TYR B 309 -3.46 -13.01 16.02
N LYS B 310 -3.08 -13.93 16.91
CA LYS B 310 -2.29 -15.11 16.53
C LYS B 310 -3.04 -15.96 15.50
N LEU B 311 -4.30 -16.26 15.79
CA LEU B 311 -5.11 -17.06 14.89
C LEU B 311 -5.35 -16.38 13.55
N ILE B 312 -5.69 -15.10 13.61
CA ILE B 312 -5.98 -14.27 12.45
C ILE B 312 -4.77 -14.14 11.50
N LEU B 313 -3.61 -13.89 12.07
CA LEU B 313 -2.38 -13.79 11.28
C LEU B 313 -2.09 -15.12 10.58
N ALA B 314 -2.21 -16.20 11.33
CA ALA B 314 -2.03 -17.54 10.75
C ALA B 314 -2.95 -17.72 9.54
N LYS B 315 -4.23 -17.36 9.71
CA LYS B 315 -5.23 -17.56 8.67
C LYS B 315 -4.90 -16.68 7.47
N LEU B 316 -4.43 -15.46 7.73
CA LEU B 316 -3.99 -14.57 6.66
C LEU B 316 -2.80 -15.14 5.90
N PHE B 317 -1.89 -15.82 6.59
CA PHE B 317 -0.77 -16.45 5.87
C PHE B 317 -1.26 -17.64 5.00
N GLU B 318 -2.28 -18.36 5.44
CA GLU B 318 -2.90 -19.38 4.57
C GLU B 318 -3.35 -18.79 3.25
N ILE B 319 -3.92 -17.58 3.31
CA ILE B 319 -4.44 -16.94 2.11
C ILE B 319 -3.29 -16.51 1.19
N CYS B 320 -2.25 -15.93 1.79
CA CYS B 320 -1.07 -15.50 1.05
C CYS B 320 -0.39 -16.65 0.35
N ILE B 321 -0.19 -17.76 1.06
CA ILE B 321 0.53 -18.89 0.47
C ILE B 321 -0.24 -19.43 -0.73
N PHE B 322 -1.54 -19.68 -0.56
CA PHE B 322 -2.39 -20.13 -1.66
C PHE B 322 -2.36 -19.15 -2.84
N ALA B 323 -2.55 -17.87 -2.55
CA ALA B 323 -2.58 -16.86 -3.60
C ALA B 323 -1.27 -16.85 -4.36
N THR B 324 -0.16 -16.97 -3.63
CA THR B 324 1.15 -17.00 -4.27
C THR B 324 1.35 -18.24 -5.16
N LYS B 325 0.93 -19.41 -4.68
CA LYS B 325 1.05 -20.62 -5.48
C LYS B 325 0.16 -20.57 -6.72
N ALA B 326 -0.97 -19.86 -6.64
CA ALA B 326 -1.88 -19.75 -7.79
C ALA B 326 -1.25 -18.97 -8.94
N ASN B 327 -0.24 -18.18 -8.61
CA ASN B 327 0.51 -17.42 -9.60
C ASN B 327 -0.37 -16.51 -10.48
N ILE B 328 -1.48 -16.01 -9.93
CA ILE B 328 -2.22 -15.00 -10.65
C ILE B 328 -1.91 -13.64 -10.03
N CYS B 329 -2.35 -12.58 -10.70
CA CYS B 329 -2.04 -11.21 -10.30
C CYS B 329 -3.07 -10.69 -9.31
N ILE B 330 -2.67 -10.61 -8.05
CA ILE B 330 -3.59 -10.25 -6.97
C ILE B 330 -3.55 -8.74 -6.79
N LEU B 331 -4.60 -8.08 -7.27
CA LEU B 331 -4.68 -6.62 -7.24
C LEU B 331 -6.05 -6.18 -6.74
N PRO B 332 -6.26 -6.22 -5.42
CA PRO B 332 -7.58 -5.93 -4.84
C PRO B 332 -8.17 -4.57 -5.26
N SER B 333 -7.34 -3.54 -5.35
CA SER B 333 -7.78 -2.21 -5.78
C SER B 333 -8.30 -2.21 -7.23
N PHE B 334 -7.64 -3.00 -8.08
CA PHE B 334 -7.97 -3.11 -9.50
C PHE B 334 -9.31 -3.84 -9.63
N ILE B 335 -9.46 -4.90 -8.84
CA ILE B 335 -10.70 -5.66 -8.84
C ILE B 335 -11.87 -4.81 -8.36
N LYS B 336 -11.71 -4.15 -7.21
CA LYS B 336 -12.77 -3.27 -6.72
C LYS B 336 -13.14 -2.19 -7.74
N GLY B 337 -12.15 -1.59 -8.40
CA GLY B 337 -12.44 -0.61 -9.44
C GLY B 337 -13.29 -1.17 -10.58
N HIS B 338 -13.06 -2.44 -10.91
CA HIS B 338 -13.84 -3.09 -11.96
C HIS B 338 -15.19 -3.59 -11.48
N LEU B 339 -15.32 -3.84 -10.19
CA LEU B 339 -16.64 -4.15 -9.63
C LEU B 339 -17.52 -2.90 -9.69
N ILE B 340 -16.91 -1.76 -9.41
CA ILE B 340 -17.62 -0.49 -9.52
C ILE B 340 -18.07 -0.25 -10.96
N GLU B 341 -17.18 -0.46 -11.91
CA GLU B 341 -17.54 -0.26 -13.32
C GLU B 341 -18.67 -1.20 -13.73
N PHE B 342 -18.62 -2.45 -13.27
CA PHE B 342 -19.68 -3.41 -13.59
C PHE B 342 -21.06 -2.90 -13.14
N GLU B 343 -21.14 -2.43 -11.90
CA GLU B 343 -22.39 -1.89 -11.38
C GLU B 343 -22.87 -0.67 -12.15
N ASP B 344 -21.92 0.15 -12.62
CA ASP B 344 -22.30 1.35 -13.34
C ASP B 344 -22.85 1.03 -14.73
N VAL B 345 -22.22 0.07 -15.38
CA VAL B 345 -22.69 -0.41 -16.68
C VAL B 345 -24.07 -1.05 -16.53
N LEU B 346 -24.22 -1.86 -15.50
CA LEU B 346 -25.49 -2.51 -15.21
C LEU B 346 -26.60 -1.46 -14.98
N LYS B 347 -26.31 -0.48 -14.15
CA LYS B 347 -27.26 0.58 -13.84
C LYS B 347 -27.73 1.34 -15.08
N ARG B 348 -26.84 1.56 -16.04
CA ARG B 348 -27.19 2.31 -17.24
C ARG B 348 -27.64 1.43 -18.40
N SER B 349 -27.68 0.12 -18.17
CA SER B 349 -28.03 -0.84 -19.23
C SER B 349 -29.48 -0.75 -19.67
N ASN B 350 -29.73 -1.18 -20.90
CA ASN B 350 -31.08 -1.16 -21.46
C ASN B 350 -31.91 -2.37 -21.07
N ASP B 351 -33.10 -2.48 -21.66
CA ASP B 351 -34.05 -3.52 -21.30
C ASP B 351 -34.06 -4.69 -22.29
N ASP B 352 -33.32 -4.57 -23.39
CA ASP B 352 -33.04 -5.73 -24.22
C ASP B 352 -31.65 -6.24 -23.89
N GLU B 353 -31.22 -6.01 -22.65
CA GLU B 353 -29.87 -6.35 -22.21
C GLU B 353 -29.87 -6.98 -20.82
N ASP B 354 -29.60 -8.28 -20.75
CA ASP B 354 -29.48 -8.95 -19.47
C ASP B 354 -28.03 -9.28 -19.16
N LEU B 355 -27.79 -9.75 -17.94
CA LEU B 355 -26.45 -9.99 -17.44
C LEU B 355 -25.64 -10.87 -18.40
N ASN B 356 -26.30 -11.82 -19.04
CA ASN B 356 -25.66 -12.72 -20.00
C ASN B 356 -25.00 -11.97 -21.16
N TYR B 357 -25.72 -10.99 -21.71
CA TYR B 357 -25.22 -10.16 -22.81
C TYR B 357 -24.12 -9.20 -22.32
N LEU B 358 -24.34 -8.65 -21.14
CA LEU B 358 -23.42 -7.68 -20.55
C LEU B 358 -22.09 -8.32 -20.15
N LEU B 359 -22.14 -9.56 -19.67
CA LEU B 359 -20.96 -10.20 -19.06
C LEU B 359 -20.21 -11.17 -19.97
N LEU B 360 -20.88 -11.66 -21.00
CA LEU B 360 -20.36 -12.77 -21.77
C LEU B 360 -20.37 -12.52 -23.26
N LYS B 361 -19.25 -12.85 -23.88
CA LYS B 361 -19.12 -12.99 -25.32
C LYS B 361 -20.25 -13.83 -25.91
N SER B 362 -20.87 -13.34 -26.97
CA SER B 362 -21.89 -14.13 -27.67
C SER B 362 -21.24 -15.35 -28.30
N ARG B 363 -21.99 -16.45 -28.39
CA ARG B 363 -21.40 -17.73 -28.79
C ARG B 363 -20.82 -17.71 -30.21
N ASP B 364 -21.33 -16.83 -31.06
CA ASP B 364 -20.83 -16.77 -32.43
C ASP B 364 -19.99 -15.53 -32.69
N SER B 365 -19.45 -14.95 -31.62
CA SER B 365 -18.71 -13.68 -31.70
C SER B 365 -17.57 -13.71 -32.70
N ASP B 366 -16.89 -14.84 -32.77
CA ASP B 366 -15.74 -14.97 -33.65
C ASP B 366 -16.14 -14.96 -35.13
N ASP B 367 -17.45 -15.02 -35.40
CA ASP B 367 -17.97 -14.91 -36.76
C ASP B 367 -18.29 -13.46 -37.12
N GLU B 368 -18.14 -12.56 -36.16
CA GLU B 368 -18.42 -11.15 -36.39
C GLU B 368 -17.12 -10.38 -36.66
N TYR B 369 -17.13 -9.58 -37.71
CA TYR B 369 -15.93 -8.86 -38.17
C TYR B 369 -16.20 -7.40 -38.45
N ASP B 370 -17.43 -6.98 -38.17
CA ASP B 370 -17.85 -5.61 -38.46
C ASP B 370 -17.18 -4.63 -37.49
N GLU B 371 -16.45 -3.67 -38.04
CA GLU B 371 -15.69 -2.73 -37.24
C GLU B 371 -16.58 -1.82 -36.40
N ASP B 372 -17.81 -1.60 -36.86
CA ASP B 372 -18.75 -0.77 -36.11
C ASP B 372 -19.44 -1.57 -35.02
N LYS B 373 -19.05 -2.83 -34.88
CA LYS B 373 -19.56 -3.68 -33.81
C LYS B 373 -18.45 -4.14 -32.88
N PRO B 374 -18.09 -3.29 -31.92
CA PRO B 374 -16.97 -3.57 -31.01
C PRO B 374 -17.20 -4.87 -30.25
N PRO B 375 -16.23 -5.79 -30.28
CA PRO B 375 -16.34 -6.99 -29.43
C PRO B 375 -16.41 -6.61 -27.96
N ILE B 376 -16.77 -7.56 -27.11
CA ILE B 376 -17.25 -7.21 -25.78
C ILE B 376 -16.22 -6.46 -24.92
N GLN B 377 -14.94 -6.76 -25.06
CA GLN B 377 -13.98 -6.19 -24.10
C GLN B 377 -13.78 -4.68 -24.28
N VAL B 378 -14.06 -4.17 -25.48
CA VAL B 378 -13.88 -2.75 -25.75
C VAL B 378 -15.22 -2.05 -25.99
N ASP B 379 -16.31 -2.78 -25.78
CA ASP B 379 -17.66 -2.24 -25.96
C ASP B 379 -18.08 -1.54 -24.68
N PRO B 380 -18.20 -0.21 -24.73
CA PRO B 380 -18.60 0.56 -23.54
C PRO B 380 -20.03 0.23 -23.10
N GLY B 381 -20.79 -0.47 -23.93
CA GLY B 381 -22.15 -0.86 -23.61
C GLY B 381 -22.22 -2.19 -22.88
N ARG B 382 -21.11 -2.92 -22.90
CA ARG B 382 -21.04 -4.17 -22.14
C ARG B 382 -19.92 -4.08 -21.11
N VAL B 383 -19.65 -5.20 -20.46
CA VAL B 383 -18.67 -5.26 -19.39
C VAL B 383 -17.42 -5.99 -19.83
N ASP B 384 -16.24 -5.37 -19.63
CA ASP B 384 -14.98 -6.07 -19.78
C ASP B 384 -14.69 -6.74 -18.43
N ASN B 385 -15.09 -8.00 -18.30
CA ASN B 385 -14.95 -8.69 -17.04
C ASN B 385 -13.51 -9.19 -16.89
N VAL B 386 -12.69 -8.50 -16.10
CA VAL B 386 -11.30 -8.88 -16.01
C VAL B 386 -11.13 -10.30 -15.44
N LEU B 387 -12.16 -10.78 -14.75
CA LEU B 387 -12.12 -12.14 -14.21
C LEU B 387 -12.25 -13.24 -15.28
N THR B 388 -12.45 -12.87 -16.55
CA THR B 388 -12.40 -13.88 -17.61
C THR B 388 -10.98 -14.07 -18.11
N ASP B 389 -10.07 -13.23 -17.62
CA ASP B 389 -8.64 -13.27 -17.95
C ASP B 389 -7.91 -14.20 -16.99
N SER B 390 -7.15 -15.16 -17.54
CA SER B 390 -6.49 -16.18 -16.72
C SER B 390 -5.47 -15.59 -15.74
N ASP B 391 -4.98 -14.38 -16.00
CA ASP B 391 -4.05 -13.73 -15.07
C ASP B 391 -4.74 -13.16 -13.83
N PHE B 392 -6.07 -13.07 -13.84
CA PHE B 392 -6.80 -12.49 -12.71
C PHE B 392 -7.75 -13.44 -11.97
N PHE B 393 -7.87 -14.68 -12.44
CA PHE B 393 -8.91 -15.59 -11.93
C PHE B 393 -8.59 -17.07 -12.15
N ASN B 394 -8.84 -17.88 -11.12
CA ASN B 394 -8.80 -19.33 -11.27
C ASN B 394 -9.66 -20.00 -10.20
N VAL B 395 -10.24 -21.15 -10.55
CA VAL B 395 -11.02 -21.91 -9.59
C VAL B 395 -10.98 -23.38 -10.02
N THR B 396 -11.01 -24.28 -9.04
CA THR B 396 -11.10 -25.71 -9.35
C THR B 396 -12.55 -26.03 -9.74
N PRO B 397 -12.75 -27.12 -10.50
CA PRO B 397 -14.12 -27.53 -10.86
C PRO B 397 -14.97 -27.84 -9.63
N GLU B 398 -14.34 -28.31 -8.57
CA GLU B 398 -15.03 -28.70 -7.36
C GLU B 398 -15.68 -27.52 -6.67
N ASN B 399 -15.12 -26.32 -6.87
CA ASN B 399 -15.61 -25.13 -6.20
C ASN B 399 -16.23 -24.14 -7.17
N ALA B 400 -16.24 -24.51 -8.45
CA ALA B 400 -16.76 -23.64 -9.50
C ALA B 400 -18.22 -23.22 -9.28
N PHE B 401 -18.99 -24.07 -8.60
CA PHE B 401 -20.42 -23.81 -8.44
C PHE B 401 -20.83 -23.69 -6.98
N SER B 402 -19.95 -23.08 -6.18
CA SER B 402 -20.31 -22.71 -4.83
C SER B 402 -20.56 -21.19 -4.77
N SER B 403 -21.36 -20.76 -3.79
CA SER B 403 -21.56 -19.33 -3.58
C SER B 403 -20.21 -18.77 -3.13
N ILE B 404 -19.94 -17.50 -3.40
CA ILE B 404 -18.68 -16.91 -2.94
C ILE B 404 -18.86 -16.29 -1.56
N ALA B 405 -17.76 -16.14 -0.85
CA ALA B 405 -17.78 -15.38 0.39
C ALA B 405 -18.04 -13.94 0.04
N ILE B 406 -19.02 -13.34 0.68
CA ILE B 406 -19.38 -11.97 0.38
C ILE B 406 -19.58 -11.15 1.65
N MET B 407 -19.24 -9.87 1.55
CA MET B 407 -19.54 -8.89 2.58
C MET B 407 -20.01 -7.66 1.83
N PRO B 408 -20.65 -6.72 2.54
CA PRO B 408 -21.01 -5.48 1.82
C PRO B 408 -19.78 -4.72 1.33
N ILE B 409 -19.75 -4.43 0.04
CA ILE B 409 -18.68 -3.63 -0.54
C ILE B 409 -19.26 -2.33 -1.11
N SER B 410 -18.76 -1.21 -0.64
CA SER B 410 -19.18 0.09 -1.14
C SER B 410 -18.00 1.04 -1.24
N TYR B 411 -18.22 2.18 -1.87
CA TYR B 411 -17.23 3.24 -1.85
C TYR B 411 -17.95 4.57 -1.88
N ASP B 412 -17.31 5.58 -1.31
CA ASP B 412 -17.87 6.92 -1.26
C ASP B 412 -17.36 7.75 -2.43
N LYS B 413 -18.30 8.35 -3.16
CA LYS B 413 -17.98 9.13 -4.34
C LYS B 413 -18.09 10.63 -3.99
N THR B 414 -16.99 11.37 -4.09
CA THR B 414 -17.01 12.80 -3.75
C THR B 414 -17.78 13.61 -4.80
N ILE B 415 -18.82 14.33 -4.38
CA ILE B 415 -19.69 15.01 -5.35
C ILE B 415 -19.84 16.52 -5.14
N ASP B 416 -19.50 17.01 -3.95
CA ASP B 416 -19.56 18.45 -3.72
C ASP B 416 -18.74 18.85 -2.51
N VAL B 417 -18.59 20.16 -2.31
CA VAL B 417 -17.94 20.69 -1.12
C VAL B 417 -18.76 21.87 -0.59
N GLU B 418 -19.15 21.80 0.69
CA GLU B 418 -19.84 22.93 1.33
C GLU B 418 -18.94 23.48 2.44
N ASP B 419 -18.29 24.60 2.15
CA ASP B 419 -17.32 25.21 3.05
C ASP B 419 -16.18 24.22 3.32
N ASN B 420 -16.06 23.76 4.56
CA ASN B 420 -15.00 22.80 4.87
C ASN B 420 -15.49 21.35 4.84
N GLU B 421 -16.75 21.14 4.50
CA GLU B 421 -17.30 19.78 4.48
C GLU B 421 -17.43 19.23 3.07
N ILE B 422 -16.75 18.12 2.84
CA ILE B 422 -16.83 17.41 1.57
C ILE B 422 -18.06 16.52 1.58
N GLN B 423 -18.85 16.59 0.50
CA GLN B 423 -20.06 15.79 0.38
C GLN B 423 -19.80 14.57 -0.48
N VAL B 424 -20.36 13.44 -0.08
CA VAL B 424 -20.16 12.23 -0.88
C VAL B 424 -21.48 11.55 -1.19
N LEU B 425 -21.42 10.59 -2.10
CA LEU B 425 -22.52 9.68 -2.38
C LEU B 425 -22.03 8.25 -2.16
N GLU B 426 -22.67 7.54 -1.25
CA GLU B 426 -22.31 6.14 -1.04
C GLU B 426 -22.82 5.31 -2.19
N VAL B 427 -21.94 4.52 -2.78
CA VAL B 427 -22.32 3.63 -3.86
C VAL B 427 -22.21 2.23 -3.33
N GLU B 428 -23.36 1.63 -3.04
CA GLU B 428 -23.41 0.28 -2.51
C GLU B 428 -23.58 -0.66 -3.68
N MET B 429 -22.75 -1.69 -3.71
CA MET B 429 -22.79 -2.61 -4.82
C MET B 429 -23.36 -3.93 -4.39
N GLN B 430 -24.45 -4.32 -5.03
CA GLN B 430 -25.26 -5.41 -4.54
C GLN B 430 -25.37 -6.55 -5.54
N SER B 431 -24.75 -6.38 -6.70
CA SER B 431 -24.80 -7.42 -7.71
C SER B 431 -23.43 -7.99 -8.02
N LEU B 432 -22.52 -7.91 -7.05
CA LEU B 432 -21.11 -8.26 -7.25
C LEU B 432 -20.87 -9.71 -7.66
N SER B 433 -21.64 -10.61 -7.07
CA SER B 433 -21.45 -12.04 -7.31
C SER B 433 -21.50 -12.39 -8.80
N ALA B 434 -22.29 -11.64 -9.56
CA ALA B 434 -22.45 -11.90 -10.98
C ALA B 434 -21.14 -11.91 -11.79
N VAL B 435 -20.16 -11.09 -11.40
CA VAL B 435 -18.92 -11.07 -12.17
C VAL B 435 -18.15 -12.37 -11.93
N VAL B 436 -18.28 -12.96 -10.74
CA VAL B 436 -17.62 -14.23 -10.46
C VAL B 436 -18.34 -15.37 -11.19
N TYR B 437 -19.66 -15.34 -11.15
CA TYR B 437 -20.47 -16.31 -11.87
C TYR B 437 -20.18 -16.19 -13.37
N GLY B 438 -20.06 -14.96 -13.83
CA GLY B 438 -19.67 -14.69 -15.20
C GLY B 438 -18.31 -15.24 -15.55
N ALA B 439 -17.38 -15.17 -14.61
CA ALA B 439 -16.04 -15.75 -14.82
C ALA B 439 -16.11 -17.27 -14.94
N VAL B 440 -16.93 -17.89 -14.11
CA VAL B 440 -17.10 -19.34 -14.17
C VAL B 440 -17.75 -19.74 -15.49
N ALA B 441 -18.82 -19.03 -15.86
CA ALA B 441 -19.52 -19.26 -17.11
C ALA B 441 -18.56 -19.21 -18.28
N SER B 442 -17.64 -18.24 -18.25
CA SER B 442 -16.68 -18.06 -19.33
C SER B 442 -15.69 -19.21 -19.36
N LYS B 443 -15.16 -19.56 -18.20
CA LYS B 443 -14.16 -20.62 -18.06
C LYS B 443 -14.68 -21.95 -18.60
N TYR B 444 -15.95 -22.24 -18.33
CA TYR B 444 -16.53 -23.55 -18.62
C TYR B 444 -17.56 -23.53 -19.76
N GLY B 445 -17.67 -22.40 -20.44
CA GLY B 445 -18.49 -22.30 -21.63
C GLY B 445 -19.98 -22.44 -21.41
N LEU B 446 -20.46 -21.94 -20.27
CA LEU B 446 -21.87 -22.02 -19.93
C LEU B 446 -22.52 -20.64 -19.99
N SER B 447 -23.85 -20.61 -19.97
CA SER B 447 -24.57 -19.37 -19.75
C SER B 447 -24.57 -19.05 -18.25
N LEU B 448 -24.94 -17.82 -17.92
CA LEU B 448 -25.10 -17.46 -16.51
C LEU B 448 -26.18 -18.29 -15.84
N GLU B 449 -27.31 -18.46 -16.52
CA GLU B 449 -28.43 -19.22 -15.97
C GLU B 449 -28.00 -20.63 -15.58
N GLN B 450 -27.20 -21.26 -16.44
CA GLN B 450 -26.66 -22.59 -16.15
C GLN B 450 -25.80 -22.63 -14.90
N VAL B 451 -24.93 -21.63 -14.75
CA VAL B 451 -24.08 -21.54 -13.58
C VAL B 451 -24.90 -21.35 -12.33
N ILE B 452 -25.82 -20.38 -12.36
CA ILE B 452 -26.68 -20.08 -11.23
C ILE B 452 -27.52 -21.30 -10.84
N ARG B 453 -27.91 -22.09 -11.83
CA ARG B 453 -28.78 -23.24 -11.56
C ARG B 453 -28.15 -24.21 -10.56
N LYS B 454 -26.86 -24.04 -10.30
CA LYS B 454 -26.21 -24.78 -9.21
C LYS B 454 -26.63 -24.29 -7.82
N LEU B 455 -27.94 -24.27 -7.59
CA LEU B 455 -28.53 -24.38 -6.27
C LEU B 455 -28.31 -25.83 -5.90
N ASN B 456 -27.76 -26.09 -4.72
CA ASN B 456 -27.39 -27.44 -4.33
C ASN B 456 -27.74 -27.76 -2.88
C1 GOL C . -1.42 0.60 -21.52
O1 GOL C . -0.63 0.19 -20.41
C2 GOL C . -1.13 -0.29 -22.72
O2 GOL C . 0.27 -0.29 -22.96
C3 GOL C . -1.84 0.24 -23.96
O3 GOL C . -1.49 1.57 -24.19
C1 GOL D . 7.06 -1.32 20.21
O1 GOL D . 7.37 -0.99 18.87
C2 GOL D . 8.07 -0.66 21.15
O2 GOL D . 9.36 -1.20 20.91
C3 GOL D . 7.67 -0.99 22.59
O3 GOL D . 7.79 -2.38 22.78
#